data_1TB6
#
_entry.id   1TB6
#
_cell.length_a   88.409
_cell.length_b   88.404
_cell.length_c   117.218
_cell.angle_alpha   90.00
_cell.angle_beta   90.00
_cell.angle_gamma   90.00
#
_symmetry.space_group_name_H-M   'P 21 21 21'
#
loop_
_entity.id
_entity.type
_entity.pdbx_description
1 polymer thrombin
2 polymer thrombin
3 polymer Antithrombin-III
4 branched 2-acetamido-2-deoxy-beta-D-glucopyranose-(1-4)-[alpha-L-fucopyranose-(1-6)]2-acetamido-2-deoxy-beta-D-glucopyranose
5 branched '2,3,4,6-tetra-O-sulfonato-alpha-D-glucopyranose-(1-4)-2,3,6-tri-O-sulfo-alpha-D-glucopyranose-(1-4)-2,3,6-tri-O-sulfonato-beta-D-glucopyranose-(1-4)-2,3-di-O-methyl-6-O-sulfonato-alpha-D-glucopyranose-(1-4)-2,3,6-tri-O-methyl-beta-D-glucopyranose-(1-4)-2,3,6-tri-O-methyl-alpha-D-glucopyranose-(1-4)-2,3,6-tri-O-methyl-beta-D-glucopyranose-(1-4)-2,3,6-tri-O-methyl-alpha-D-glucopyranose-(1-4)-2,3,6-tri-O-methyl-beta-D-glucopyranose-(1-4)-2,3,6-tri-O-methyl-alpha-D-glucopyranose-(1-4)-2,3,6-tri-O-methyl-beta-D-glucopyranose-(1-4)-2,3-di-O-methyl-6-O-sulfonato-alpha-D-glucopyranose-(1-4)-2,3-di-O-methyl-beta-D-glucopyranuronic acid-(1-4)-2,3,6-tri-O-sulfo-alpha-D-glucopyranose-(1-4)-2,3-di-O-methyl-alpha-L-idopyranuronic acid-(1-4)-methyl 3-O-methyl-2,6-di-O-sulfo-alpha-D-glucopyranoside'
6 branched alpha-D-mannopyranose-(1-3)-[alpha-D-mannopyranose-(1-6)]beta-D-mannopyranose-(1-4)-2-acetamido-2-deoxy-beta-D-glucopyranose-(1-4)-2-acetamido-2-deoxy-beta-D-glucopyranose
7 branched beta-D-mannopyranose-(1-4)-2-acetamido-2-deoxy-beta-D-glucopyranose-(1-4)-2-acetamido-2-deoxy-beta-D-glucopyranose
8 non-polymer (4S)-2-METHYL-2,4-PENTANEDIOL
9 non-polymer 2-acetamido-2-deoxy-beta-D-glucopyranose
10 water water
#
loop_
_entity_poly.entity_id
_entity_poly.type
_entity_poly.pdbx_seq_one_letter_code
_entity_poly.pdbx_strand_id
1 'polypeptide(L)' TATSEYQTFFNPRTFGSGEADCGLRPLFEKKSLEDKTERELLESYIDGR L
2 'polypeptide(L)'
;IVEGSDAEIGMSPWQVMLFRKSPQELLCGASLISDRWVLTAAHCLLYPPWDKNFTENDLLVRIGKHSRTRYERNIEKISM
LEKIYIHPRYNWRENLDRDIALMKLKKPVAFSDYIHPVCLPDRETAASLLQAGYKGRVTGWGNLKETWTANVGKGQPSVL
QVVNLPIVERPVCKDSTRIRITDNMFCAGYKPDEGKRGDACEGDAGGPFVMKSPFNNRWYQMGIVSWGEGCDRDGKYGFY
THVFRLKKWIQKVIDQFGE
;
H
3 'polypeptide(L)'
;HGSPVDICTAKPRDIPMNPMCIYRSPEKKATEDEGSEQKIPEATNRRVWELSKANSRFATTFYQHLADSKNDNDNIFLSP
LSISTAFAMTKLGACNDTLQQLMEVFKFDTISEKTSDQIHFFFAKLNCRLYRKANKASKLVSANRLFGDKSLTFNETYQD
ISELVYGAKLQPLDFKENAEQSRAAINKWVSNKTEGRITDVIPSEAINELTVLVLVNTIYFKGLWKSKFSPENTRKELFY
KADGESCSASMMYQEGKFRYRRVAEGTQVLELPFKGDDITMVLILPKPEKSLAKVEKELTPEVLQEWLDELEEMMLCVHM
PRFRIEDGFSLKEQLQDMGLVDLFSPEKSKLPGIVAEGRDDLYVSDAFHKAFLEVNEEGSEAAASTAVVIAGRSLNPNRV
CFKANRPFLVFIREVPLNTIIFMGRVANPCVK
;
I
#
loop_
_chem_comp.id
_chem_comp.type
_chem_comp.name
_chem_comp.formula
BMA D-saccharide, beta linking beta-D-mannopyranose 'C6 H12 O6'
FUC L-saccharide, alpha linking alpha-L-fucopyranose 'C6 H12 O5'
GU0 D-saccharide, beta linking 2,3,6-tri-O-sulfonato-beta-D-glucopyranose 'C6 H9 O15 S3 -3'
GU1 D-saccharide, beta linking '2,3-di-O-methyl-beta-D-glucopyranuronic acid' 'C8 H14 O7'
GU2 L-saccharide, alpha linking '2,3-di-O-methyl-alpha-L-idopyranuronic acid' 'C8 H14 O7'
GU3 D-saccharide 'methyl 3-O-methyl-2,6-di-O-sulfo-alpha-D-glucopyranoside' 'C8 H16 O12 S2'
GU4 D-saccharide, alpha linking 2,3,4,6-tetra-O-sulfonato-alpha-D-glucopyranose 'C6 H12 O18 S4'
GU5 D-saccharide, alpha linking 2,3-di-O-methyl-6-O-sulfonato-alpha-D-glucopyranose 'C8 H15 O9 S -1'
GU6 D-saccharide, alpha linking 2,3,6-tri-O-sulfo-alpha-D-glucopyranose 'C6 H12 O15 S3'
GU8 D-saccharide, beta linking 2,3,6-tri-O-methyl-beta-D-glucopyranose 'C9 H18 O6'
GU9 D-saccharide, alpha linking 2,3,6-tri-O-methyl-alpha-D-glucopyranose 'C9 H18 O6'
MAN D-saccharide, alpha linking alpha-D-mannopyranose 'C6 H12 O6'
MPD non-polymer (4S)-2-METHYL-2,4-PENTANEDIOL 'C6 H14 O2'
NAG D-saccharide, beta linking 2-acetamido-2-deoxy-beta-D-glucopyranose 'C8 H15 N O6'
#
# COMPACT_ATOMS: atom_id res chain seq x y z
N SER A 4 53.82 10.59 -2.73
CA SER A 4 54.05 11.88 -2.03
C SER A 4 52.81 12.35 -1.27
N GLU A 5 51.63 12.09 -1.84
CA GLU A 5 50.37 12.49 -1.23
C GLU A 5 49.23 11.49 -1.42
N TYR A 6 49.03 11.03 -2.65
CA TYR A 6 47.96 10.06 -2.89
C TYR A 6 48.49 8.73 -3.42
N GLN A 7 48.10 7.64 -2.76
CA GLN A 7 48.51 6.30 -3.15
C GLN A 7 47.32 5.51 -3.72
N THR A 8 47.42 5.10 -4.98
CA THR A 8 46.35 4.35 -5.64
C THR A 8 45.95 3.11 -4.85
N PHE A 9 44.79 2.53 -5.21
CA PHE A 9 44.26 1.35 -4.53
C PHE A 9 43.73 0.31 -5.52
N PHE A 10 43.10 0.78 -6.58
CA PHE A 10 42.55 -0.12 -7.59
C PHE A 10 43.53 -0.27 -8.73
N ASN A 11 43.45 -1.41 -9.42
CA ASN A 11 44.32 -1.66 -10.56
C ASN A 11 43.77 -0.91 -11.76
N PRO A 12 44.54 0.04 -12.31
CA PRO A 12 44.14 0.84 -13.47
C PRO A 12 43.69 0.01 -14.67
N ARG A 13 44.03 -1.27 -14.66
CA ARG A 13 43.67 -2.17 -15.74
C ARG A 13 42.15 -2.24 -15.83
N THR A 14 41.54 -2.58 -14.70
CA THR A 14 40.11 -2.73 -14.60
C THR A 14 39.36 -1.51 -14.04
N PHE A 15 40.10 -0.53 -13.53
CA PHE A 15 39.48 0.66 -12.95
C PHE A 15 39.47 1.83 -13.92
N GLY A 16 40.48 1.88 -14.79
CA GLY A 16 40.57 2.98 -15.74
C GLY A 16 41.54 4.05 -15.24
N SER A 17 41.64 5.14 -15.98
CA SER A 17 42.54 6.23 -15.62
C SER A 17 41.88 7.26 -14.72
N GLY A 18 42.70 8.06 -14.05
CA GLY A 18 42.16 9.11 -13.21
C GLY A 18 42.29 8.99 -11.71
N GLU A 19 42.55 7.79 -11.20
CA GLU A 19 42.66 7.67 -9.76
C GLU A 19 43.84 8.45 -9.22
N ALA A 20 44.97 8.38 -9.92
CA ALA A 20 46.19 9.08 -9.48
C ALA A 20 45.95 10.56 -9.27
N ASP A 21 45.07 11.16 -10.07
CA ASP A 21 44.80 12.58 -9.99
C ASP A 21 43.40 12.90 -9.44
N CYS A 22 42.77 11.91 -8.84
CA CYS A 22 41.43 12.08 -8.28
C CYS A 22 41.43 13.15 -7.18
N GLY A 23 40.36 13.92 -7.08
CA GLY A 23 40.27 14.91 -6.01
C GLY A 23 40.79 16.31 -6.26
N LEU A 24 41.46 16.54 -7.39
CA LEU A 24 41.99 17.87 -7.66
C LEU A 24 41.26 18.54 -8.81
N ARG A 25 40.38 19.49 -8.47
CA ARG A 25 39.59 20.20 -9.46
C ARG A 25 40.42 21.10 -10.37
N PRO A 26 40.22 20.96 -11.68
CA PRO A 26 40.95 21.76 -12.67
C PRO A 26 40.83 23.27 -12.48
N LEU A 27 39.67 23.75 -12.05
CA LEU A 27 39.46 25.18 -11.85
C LEU A 27 39.65 25.64 -10.41
N PHE A 28 40.20 24.78 -9.56
CA PHE A 28 40.42 25.16 -8.17
C PHE A 28 41.80 24.72 -7.64
N GLU A 29 41.86 23.68 -6.81
CA GLU A 29 43.15 23.24 -6.27
C GLU A 29 44.29 23.39 -7.27
N LYS A 30 44.07 22.92 -8.50
CA LYS A 30 45.09 23.00 -9.55
C LYS A 30 45.39 24.42 -10.04
N LYS A 31 44.65 25.40 -9.54
CA LYS A 31 44.87 26.78 -9.95
C LYS A 31 44.98 27.67 -8.72
N SER A 32 45.35 27.05 -7.61
CA SER A 32 45.53 27.75 -6.35
C SER A 32 44.31 28.57 -5.94
N LEU A 33 43.14 28.16 -6.41
CA LEU A 33 41.91 28.85 -6.08
C LEU A 33 41.06 28.04 -5.13
N GLU A 34 40.24 28.74 -4.35
CA GLU A 34 39.33 28.11 -3.40
C GLU A 34 37.92 28.53 -3.77
N ASP A 35 36.93 27.71 -3.43
CA ASP A 35 35.56 28.07 -3.72
C ASP A 35 35.02 28.85 -2.52
N LYS A 36 33.87 29.49 -2.71
CA LYS A 36 33.26 30.30 -1.67
C LYS A 36 33.17 29.69 -0.27
N THR A 37 32.95 28.38 -0.18
CA THR A 37 32.80 27.79 1.15
C THR A 37 33.61 26.58 1.56
N GLU A 38 34.76 26.31 0.94
CA GLU A 38 35.54 25.16 1.38
C GLU A 38 36.24 25.47 2.69
N ARG A 39 36.43 26.76 2.97
CA ARG A 39 37.05 27.20 4.21
C ARG A 39 36.10 26.81 5.33
N GLU A 40 34.82 26.92 5.04
CA GLU A 40 33.77 26.58 5.99
C GLU A 40 33.92 25.12 6.44
N LEU A 41 34.51 24.30 5.57
CA LEU A 41 34.73 22.89 5.87
C LEU A 41 35.95 22.66 6.77
N LEU A 42 37.05 23.34 6.48
CA LEU A 42 38.27 23.20 7.27
C LEU A 42 38.03 23.69 8.70
N GLU A 43 37.30 24.78 8.85
CA GLU A 43 37.01 25.32 10.18
C GLU A 43 36.36 24.28 11.07
N SER A 44 35.45 23.49 10.51
CA SER A 44 34.74 22.47 11.26
C SER A 44 35.63 21.32 11.69
N TYR A 45 36.81 21.20 11.08
CA TYR A 45 37.74 20.13 11.42
C TYR A 45 38.43 20.39 12.76
N ILE A 46 37.65 20.38 13.83
CA ILE A 46 38.17 20.61 15.17
C ILE A 46 39.06 21.85 15.23
N ILE B 1 18.32 19.89 -3.17
CA ILE B 1 19.02 20.47 -1.98
C ILE B 1 18.16 21.56 -1.32
N VAL B 2 17.96 21.45 -0.01
CA VAL B 2 17.18 22.45 0.71
C VAL B 2 18.10 23.45 1.42
N GLU B 3 17.92 24.73 1.12
CA GLU B 3 18.74 25.79 1.74
C GLU B 3 20.21 25.78 1.29
N GLY B 4 20.43 25.54 0.00
CA GLY B 4 21.78 25.52 -0.52
C GLY B 4 22.04 26.73 -1.40
N SER B 5 23.02 26.64 -2.28
CA SER B 5 23.35 27.75 -3.15
C SER B 5 23.79 27.24 -4.51
N ASP B 6 23.69 28.11 -5.51
CA ASP B 6 24.11 27.75 -6.86
C ASP B 6 25.60 27.45 -6.80
N ALA B 7 25.98 26.21 -7.07
CA ALA B 7 27.39 25.85 -7.05
C ALA B 7 28.13 26.73 -8.06
N GLU B 8 29.45 26.83 -7.90
CA GLU B 8 30.26 27.63 -8.82
C GLU B 8 30.63 26.71 -9.98
N ILE B 9 31.03 27.30 -11.10
CA ILE B 9 31.43 26.54 -12.27
C ILE B 9 32.63 25.65 -11.93
N GLY B 10 32.51 24.37 -12.25
CA GLY B 10 33.58 23.41 -12.00
C GLY B 10 33.83 23.09 -10.54
N MET B 11 32.92 23.51 -9.66
CA MET B 11 33.05 23.28 -8.24
C MET B 11 32.92 21.80 -7.86
N SER B 12 32.20 21.04 -8.70
CA SER B 12 31.98 19.62 -8.45
C SER B 12 32.05 18.88 -9.79
N PRO B 13 33.26 18.79 -10.37
CA PRO B 13 33.50 18.14 -11.66
C PRO B 13 33.24 16.63 -11.75
N TRP B 14 32.87 16.01 -10.63
CA TRP B 14 32.59 14.57 -10.62
C TRP B 14 31.08 14.30 -10.55
N GLN B 15 30.29 15.35 -10.39
CA GLN B 15 28.86 15.21 -10.30
C GLN B 15 28.32 14.60 -11.60
N VAL B 16 27.54 13.53 -11.46
CA VAL B 16 26.97 12.86 -12.61
C VAL B 16 25.44 12.86 -12.47
N MET B 17 24.76 13.10 -13.60
CA MET B 17 23.31 13.17 -13.67
C MET B 17 22.79 11.86 -14.27
N LEU B 18 21.95 11.12 -13.53
CA LEU B 18 21.44 9.83 -14.01
C LEU B 18 20.04 9.87 -14.61
N PHE B 19 19.92 9.52 -15.89
CA PHE B 19 18.63 9.54 -16.58
C PHE B 19 18.09 8.18 -17.01
N ARG B 20 16.76 8.09 -17.08
CA ARG B 20 16.09 6.91 -17.58
C ARG B 20 15.99 7.29 -19.06
N LYS B 21 16.34 6.38 -19.95
CA LYS B 21 16.33 6.66 -21.39
C LYS B 21 14.99 7.10 -21.98
N SER B 22 13.94 6.31 -21.74
CA SER B 22 12.64 6.62 -22.31
C SER B 22 11.48 6.04 -21.52
N PRO B 23 10.55 6.90 -21.06
CA PRO B 23 10.60 8.35 -21.26
C PRO B 23 11.76 8.98 -20.51
N GLN B 24 12.37 10.00 -21.09
CA GLN B 24 13.49 10.64 -20.42
C GLN B 24 13.08 11.36 -19.15
N GLU B 25 13.85 11.14 -18.09
CA GLU B 25 13.59 11.80 -16.82
C GLU B 25 14.82 11.73 -15.93
N LEU B 26 15.02 12.77 -15.13
CA LEU B 26 16.15 12.81 -14.22
C LEU B 26 15.76 11.91 -13.06
N LEU B 27 16.58 10.92 -12.78
CA LEU B 27 16.26 10.01 -11.69
C LEU B 27 17.02 10.35 -10.43
N CYS B 28 18.35 10.42 -10.57
CA CYS B 28 19.24 10.63 -9.44
C CYS B 28 20.56 11.33 -9.77
N GLY B 29 21.39 11.46 -8.74
CA GLY B 29 22.71 12.02 -8.91
C GLY B 29 23.64 10.82 -8.87
N ALA B 30 24.93 11.05 -9.11
CA ALA B 30 25.93 9.99 -9.09
C ALA B 30 27.30 10.65 -9.13
N SER B 31 28.35 9.88 -8.89
CA SER B 31 29.69 10.45 -8.91
C SER B 31 30.64 9.68 -9.81
N LEU B 32 31.66 10.37 -10.28
CA LEU B 32 32.67 9.82 -11.16
C LEU B 32 33.89 9.46 -10.33
N ILE B 33 34.28 8.19 -10.32
CA ILE B 33 35.43 7.78 -9.53
C ILE B 33 36.60 7.35 -10.41
N SER B 34 36.39 7.35 -11.72
CA SER B 34 37.42 7.00 -12.69
C SER B 34 36.90 7.42 -14.06
N ASP B 35 37.60 7.05 -15.12
CA ASP B 35 37.14 7.45 -16.44
C ASP B 35 36.16 6.44 -17.02
N ARG B 36 35.87 5.39 -16.27
CA ARG B 36 34.91 4.40 -16.75
C ARG B 36 33.87 3.94 -15.73
N TRP B 37 34.09 4.22 -14.45
CA TRP B 37 33.12 3.82 -13.43
C TRP B 37 32.42 4.99 -12.75
N VAL B 38 31.13 4.80 -12.51
CA VAL B 38 30.32 5.79 -11.83
C VAL B 38 29.65 5.08 -10.65
N LEU B 39 29.63 5.76 -9.52
CA LEU B 39 29.04 5.21 -8.30
C LEU B 39 27.69 5.93 -8.07
N THR B 40 26.71 5.20 -7.52
CA THR B 40 25.42 5.81 -7.23
C THR B 40 24.68 5.02 -6.15
N ALA B 41 23.43 5.38 -5.87
CA ALA B 41 22.65 4.68 -4.88
C ALA B 41 21.86 3.55 -5.54
N ALA B 42 21.72 2.43 -4.84
CA ALA B 42 21.01 1.26 -5.34
C ALA B 42 19.51 1.50 -5.58
N HIS B 43 18.82 2.15 -4.65
CA HIS B 43 17.39 2.36 -4.82
C HIS B 43 17.07 3.25 -6.04
N CYS B 44 18.08 3.83 -6.66
CA CYS B 44 17.87 4.65 -7.85
C CYS B 44 17.59 3.78 -9.08
N LEU B 45 17.93 2.51 -8.97
CA LEU B 45 17.76 1.57 -10.06
C LEU B 45 16.89 0.37 -9.70
N LEU B 46 16.94 -0.06 -8.45
CA LEU B 46 16.17 -1.21 -8.04
C LEU B 46 15.30 -0.96 -6.82
N TYR B 47 14.00 -1.04 -7.00
CA TYR B 47 13.10 -0.86 -5.88
C TYR B 47 11.81 -1.60 -6.22
N PRO B 48 11.78 -2.91 -5.95
CA PRO B 48 10.65 -3.82 -6.19
C PRO B 48 9.26 -3.34 -5.76
N PRO B 49 9.16 -2.65 -4.62
CA PRO B 49 7.84 -2.17 -4.16
C PRO B 49 7.14 -1.26 -5.18
N TRP B 50 7.92 -0.63 -6.05
CA TRP B 50 7.35 0.22 -7.06
C TRP B 50 7.63 -0.37 -8.43
N ASP B 51 7.92 -1.67 -8.45
CA ASP B 51 8.20 -2.35 -9.71
C ASP B 51 9.31 -1.61 -10.44
N LYS B 52 10.28 -1.09 -9.71
CA LYS B 52 11.38 -0.38 -10.32
C LYS B 52 12.62 -1.26 -10.46
N ASN B 53 13.01 -1.53 -11.69
CA ASN B 53 14.22 -2.31 -11.95
C ASN B 53 14.84 -1.84 -13.25
N PHE B 54 15.72 -0.85 -13.15
CA PHE B 54 16.37 -0.31 -14.32
C PHE B 54 17.69 -1.04 -14.60
N THR B 55 17.93 -1.35 -15.86
CA THR B 55 19.15 -2.05 -16.24
C THR B 55 19.95 -1.18 -17.22
N GLU B 56 21.15 -1.64 -17.60
CA GLU B 56 22.02 -0.90 -18.51
C GLU B 56 21.32 -0.18 -19.65
N ASN B 57 20.50 -0.92 -20.38
CA ASN B 57 19.79 -0.39 -21.53
C ASN B 57 18.70 0.65 -21.26
N ASP B 58 18.23 0.73 -20.03
CA ASP B 58 17.20 1.72 -19.70
C ASP B 58 17.85 3.01 -19.19
N LEU B 59 19.16 2.97 -18.99
CA LEU B 59 19.85 4.12 -18.42
C LEU B 59 20.75 4.93 -19.32
N LEU B 60 21.24 6.03 -18.77
CA LEU B 60 22.09 6.96 -19.48
C LEU B 60 22.60 8.00 -18.46
N VAL B 61 23.82 8.51 -18.66
CA VAL B 61 24.35 9.52 -17.77
C VAL B 61 24.88 10.75 -18.51
N ARG B 62 24.79 11.89 -17.86
CA ARG B 62 25.29 13.12 -18.43
C ARG B 62 26.30 13.63 -17.42
N ILE B 63 27.52 13.89 -17.90
CA ILE B 63 28.59 14.31 -17.04
C ILE B 63 29.09 15.72 -17.32
N GLY B 64 29.56 16.39 -16.27
CA GLY B 64 30.07 17.73 -16.39
C GLY B 64 29.03 18.80 -16.64
N LYS B 65 27.81 18.58 -16.16
CA LYS B 65 26.72 19.53 -16.33
C LYS B 65 26.60 20.54 -15.19
N HIS B 66 26.02 21.70 -15.47
CA HIS B 66 25.83 22.73 -14.46
C HIS B 66 24.33 23.07 -14.40
N SER B 67 23.80 23.50 -15.54
CA SER B 67 22.38 23.82 -15.66
C SER B 67 21.63 22.48 -15.68
N ARG B 68 20.41 22.46 -15.16
CA ARG B 68 19.63 21.24 -15.12
C ARG B 68 18.96 20.90 -16.46
N THR B 69 18.58 21.92 -17.24
CA THR B 69 17.94 21.62 -18.54
C THR B 69 18.64 22.12 -19.78
N ARG B 70 19.29 23.28 -19.71
CA ARG B 70 19.97 23.80 -20.88
C ARG B 70 21.13 22.92 -21.36
N TYR B 71 21.08 22.54 -22.63
CA TYR B 71 22.13 21.71 -23.23
C TYR B 71 23.41 22.55 -23.28
N GLU B 72 24.45 22.07 -22.61
CA GLU B 72 25.71 22.80 -22.56
C GLU B 72 26.78 22.24 -23.50
N ARG B 73 26.62 22.57 -24.78
CA ARG B 73 27.51 22.15 -25.85
C ARG B 73 29.00 22.27 -25.56
N ASN B 74 29.75 21.21 -25.91
CA ASN B 74 31.19 21.13 -25.72
C ASN B 74 31.68 21.13 -24.26
N ILE B 75 30.75 20.97 -23.32
CA ILE B 75 31.11 20.93 -21.91
C ILE B 75 30.61 19.68 -21.25
N GLU B 76 29.37 19.31 -21.54
CA GLU B 76 28.78 18.12 -20.94
C GLU B 76 28.99 16.94 -21.88
N LYS B 77 28.99 15.74 -21.33
CA LYS B 77 29.17 14.53 -22.11
C LYS B 77 28.16 13.47 -21.73
N ILE B 78 27.51 12.88 -22.73
CA ILE B 78 26.55 11.81 -22.48
C ILE B 78 27.30 10.50 -22.64
N SER B 79 26.88 9.52 -21.87
CA SER B 79 27.46 8.19 -21.94
C SER B 79 26.42 7.17 -21.63
N MET B 80 26.47 6.06 -22.36
CA MET B 80 25.55 4.96 -22.14
C MET B 80 26.25 4.07 -21.12
N LEU B 81 25.58 3.03 -20.67
CA LEU B 81 26.19 2.14 -19.68
C LEU B 81 26.36 0.73 -20.23
N GLU B 82 27.53 0.14 -20.02
CA GLU B 82 27.80 -1.21 -20.49
C GLU B 82 27.18 -2.20 -19.51
N LYS B 83 27.27 -1.89 -18.22
CA LYS B 83 26.71 -2.75 -17.21
C LYS B 83 26.54 -1.99 -15.89
N ILE B 84 25.58 -2.41 -15.07
CA ILE B 84 25.39 -1.79 -13.77
C ILE B 84 25.43 -2.90 -12.71
N TYR B 85 25.97 -2.60 -11.54
CA TYR B 85 26.07 -3.60 -10.48
C TYR B 85 25.45 -3.13 -9.18
N ILE B 86 24.44 -3.85 -8.71
CA ILE B 86 23.78 -3.52 -7.47
C ILE B 86 24.31 -4.41 -6.36
N HIS B 87 24.61 -3.84 -5.20
CA HIS B 87 25.10 -4.64 -4.09
C HIS B 87 24.06 -5.72 -3.80
N PRO B 88 24.44 -7.00 -3.90
CA PRO B 88 23.57 -8.17 -3.67
C PRO B 88 22.77 -8.20 -2.39
N ARG B 89 23.28 -7.57 -1.34
CA ARG B 89 22.56 -7.56 -0.07
C ARG B 89 21.99 -6.20 0.29
N TYR B 90 21.69 -5.42 -0.74
CA TYR B 90 21.09 -4.11 -0.59
C TYR B 90 19.70 -4.46 -0.06
N ASN B 91 19.30 -3.86 1.06
CA ASN B 91 18.01 -4.19 1.66
C ASN B 91 16.89 -3.24 1.29
N TRP B 92 16.26 -3.49 0.14
CA TRP B 92 15.15 -2.67 -0.32
C TRP B 92 13.89 -2.92 0.48
N ARG B 93 13.86 -4.07 1.14
CA ARG B 93 12.71 -4.50 1.93
C ARG B 93 12.48 -3.74 3.22
N GLU B 94 13.40 -2.87 3.62
CA GLU B 94 13.23 -2.19 4.88
C GLU B 94 13.95 -0.85 5.13
N ASN B 95 15.27 -0.89 5.23
CA ASN B 95 16.06 0.33 5.53
C ASN B 95 17.07 0.79 4.48
N LEU B 96 17.13 0.12 3.34
CA LEU B 96 18.06 0.47 2.26
C LEU B 96 19.50 0.33 2.73
N ASP B 97 19.72 -0.61 3.63
CA ASP B 97 21.06 -0.90 4.14
C ASP B 97 21.90 -1.33 2.94
N ARG B 98 23.12 -0.81 2.86
CA ARG B 98 24.03 -1.10 1.75
C ARG B 98 23.43 -0.64 0.42
N ASP B 99 22.93 0.59 0.44
CA ASP B 99 22.30 1.24 -0.71
C ASP B 99 23.40 1.75 -1.64
N ILE B 100 23.97 0.85 -2.44
CA ILE B 100 25.05 1.26 -3.34
C ILE B 100 25.03 0.48 -4.64
N ALA B 101 25.46 1.12 -5.72
CA ALA B 101 25.50 0.49 -7.04
C ALA B 101 26.66 1.05 -7.84
N LEU B 102 27.19 0.25 -8.76
CA LEU B 102 28.30 0.68 -9.59
C LEU B 102 27.84 0.64 -11.03
N MET B 103 28.40 1.51 -11.87
CA MET B 103 28.01 1.55 -13.27
C MET B 103 29.22 1.77 -14.17
N LYS B 104 29.39 0.88 -15.13
CA LYS B 104 30.50 0.93 -16.09
C LYS B 104 30.02 1.58 -17.38
N LEU B 105 30.75 2.61 -17.81
CA LEU B 105 30.39 3.32 -19.03
C LEU B 105 30.73 2.48 -20.27
N LYS B 106 30.02 2.73 -21.37
CA LYS B 106 30.28 2.01 -22.62
C LYS B 106 31.72 2.26 -23.00
N LYS B 107 32.09 3.53 -23.04
CA LYS B 107 33.44 3.96 -23.36
C LYS B 107 33.91 4.93 -22.28
N PRO B 108 35.21 4.95 -22.01
CA PRO B 108 35.72 5.86 -20.98
C PRO B 108 35.43 7.31 -21.37
N VAL B 109 35.18 8.17 -20.38
CA VAL B 109 34.88 9.56 -20.67
C VAL B 109 36.18 10.36 -20.58
N ALA B 110 36.26 11.46 -21.31
CA ALA B 110 37.45 12.29 -21.32
C ALA B 110 37.37 13.38 -20.27
N PHE B 111 38.43 13.52 -19.47
CA PHE B 111 38.45 14.54 -18.43
C PHE B 111 38.59 15.92 -19.03
N SER B 112 38.32 16.94 -18.21
CA SER B 112 38.42 18.33 -18.63
C SER B 112 38.31 19.17 -17.36
N ASP B 113 38.18 20.48 -17.51
CA ASP B 113 38.07 21.34 -16.34
C ASP B 113 36.71 21.13 -15.70
N TYR B 114 35.83 20.45 -16.43
CA TYR B 114 34.47 20.22 -15.98
C TYR B 114 34.16 18.78 -15.58
N ILE B 115 34.96 17.84 -16.07
CA ILE B 115 34.76 16.43 -15.77
C ILE B 115 36.02 15.95 -15.08
N HIS B 116 35.90 15.52 -13.83
CA HIS B 116 37.06 15.04 -13.10
C HIS B 116 36.65 14.12 -11.95
N PRO B 117 37.31 12.96 -11.82
CA PRO B 117 37.00 11.99 -10.78
C PRO B 117 37.30 12.44 -9.36
N VAL B 118 36.51 11.93 -8.43
CA VAL B 118 36.68 12.25 -7.02
C VAL B 118 37.34 11.01 -6.40
N CYS B 119 38.00 11.18 -5.26
CA CYS B 119 38.68 10.08 -4.59
C CYS B 119 37.83 9.32 -3.59
N LEU B 120 38.10 8.03 -3.48
CA LEU B 120 37.43 7.18 -2.51
C LEU B 120 38.39 7.08 -1.32
N PRO B 121 37.86 7.15 -0.10
CA PRO B 121 38.72 7.07 1.08
C PRO B 121 39.43 5.76 1.41
N ASP B 122 40.54 5.90 2.13
CA ASP B 122 41.34 4.78 2.61
C ASP B 122 41.03 4.76 4.11
N ARG B 123 41.38 3.66 4.79
CA ARG B 123 41.08 3.54 6.21
C ARG B 123 41.44 4.74 7.07
N GLU B 124 42.65 5.25 6.87
CA GLU B 124 43.16 6.39 7.65
C GLU B 124 42.36 7.67 7.39
N THR B 125 42.20 8.02 6.12
CA THR B 125 41.46 9.21 5.73
C THR B 125 40.04 9.13 6.25
N ALA B 126 39.46 7.93 6.21
CA ALA B 126 38.09 7.70 6.66
C ALA B 126 37.98 7.75 8.18
N ALA B 127 39.09 7.52 8.86
CA ALA B 127 39.09 7.53 10.32
C ALA B 127 39.29 8.92 10.89
N SER B 128 40.01 9.77 10.17
CA SER B 128 40.26 11.13 10.67
C SER B 128 39.21 12.17 10.26
N LEU B 129 38.59 11.99 9.09
CA LEU B 129 37.60 12.94 8.62
C LEU B 129 36.16 12.61 9.05
N LEU B 130 35.88 11.33 9.21
CA LEU B 130 34.56 10.87 9.59
C LEU B 130 34.28 11.01 11.07
N GLN B 131 34.30 12.26 11.55
CA GLN B 131 34.05 12.53 12.95
C GLN B 131 32.84 13.45 13.09
N ALA B 132 32.04 13.21 14.12
CA ALA B 132 30.86 14.04 14.36
C ALA B 132 31.30 15.49 14.45
N GLY B 133 30.47 16.40 13.95
CA GLY B 133 30.82 17.80 14.01
C GLY B 133 31.49 18.26 12.74
N TYR B 134 32.28 17.37 12.14
CA TYR B 134 32.96 17.68 10.89
C TYR B 134 31.94 17.81 9.76
N LYS B 135 32.14 18.78 8.87
CA LYS B 135 31.21 19.02 7.78
C LYS B 135 31.68 18.48 6.44
N GLY B 136 30.70 18.06 5.64
CA GLY B 136 30.94 17.54 4.31
C GLY B 136 30.07 18.33 3.36
N ARG B 137 30.22 18.07 2.06
CA ARG B 137 29.44 18.78 1.08
C ARG B 137 28.55 17.85 0.25
N VAL B 138 27.27 18.17 0.19
CA VAL B 138 26.30 17.40 -0.57
C VAL B 138 25.93 18.26 -1.77
N THR B 139 25.67 17.64 -2.91
CA THR B 139 25.31 18.39 -4.11
C THR B 139 24.37 17.63 -5.05
N GLY B 140 23.58 18.38 -5.81
CA GLY B 140 22.65 17.78 -6.75
C GLY B 140 21.62 18.76 -7.27
N TRP B 141 20.75 18.26 -8.14
CA TRP B 141 19.68 19.03 -8.76
C TRP B 141 18.32 18.56 -8.20
N GLY B 142 18.30 18.04 -6.98
CA GLY B 142 17.06 17.57 -6.39
C GLY B 142 16.14 18.73 -6.08
N ASN B 143 14.98 18.44 -5.49
CA ASN B 143 14.03 19.50 -5.16
C ASN B 143 14.54 20.50 -4.13
N LEU B 144 13.94 21.69 -4.13
CA LEU B 144 14.31 22.76 -3.21
C LEU B 144 13.58 22.68 -1.88
N LYS B 145 12.51 21.88 -1.81
CA LYS B 145 11.80 21.75 -0.54
C LYS B 145 10.83 20.59 -0.54
N GLU B 146 10.42 20.16 0.65
CA GLU B 146 9.47 19.07 0.78
C GLU B 146 8.11 19.52 0.24
N THR B 147 7.35 18.60 -0.34
CA THR B 147 6.02 18.91 -0.88
C THR B 147 5.03 17.82 -0.51
N TRP B 148 3.74 18.15 -0.47
CA TRP B 148 2.70 17.18 -0.16
C TRP B 148 1.55 17.23 -1.17
N THR B 149 1.81 17.76 -2.35
CA THR B 149 0.77 17.83 -3.38
C THR B 149 1.36 17.32 -4.70
N ALA B 150 0.53 17.19 -5.73
CA ALA B 150 1.00 16.76 -7.04
C ALA B 150 2.13 17.75 -7.28
N ASN B 151 3.30 17.25 -7.69
CA ASN B 151 4.47 18.09 -7.86
C ASN B 151 5.41 17.79 -9.03
N VAL B 152 4.91 17.29 -10.15
CA VAL B 152 5.80 17.03 -11.27
C VAL B 152 6.38 18.34 -11.75
N GLY B 153 7.71 18.44 -11.73
CA GLY B 153 8.38 19.65 -12.19
C GLY B 153 8.24 20.88 -11.30
N LYS B 154 7.95 20.67 -10.03
CA LYS B 154 7.79 21.75 -9.07
C LYS B 154 8.98 21.80 -8.11
N GLY B 155 9.39 23.01 -7.72
CA GLY B 155 10.50 23.17 -6.81
C GLY B 155 11.87 22.73 -7.32
N GLN B 156 12.10 22.77 -8.62
CA GLN B 156 13.40 22.36 -9.15
C GLN B 156 14.36 23.53 -9.36
N PRO B 157 15.66 23.31 -9.10
CA PRO B 157 16.69 24.35 -9.25
C PRO B 157 17.13 24.48 -10.71
N SER B 158 17.49 25.69 -11.12
CA SER B 158 17.91 25.90 -12.50
C SER B 158 19.35 25.46 -12.70
N VAL B 159 20.12 25.40 -11.62
CA VAL B 159 21.51 24.96 -11.70
C VAL B 159 21.88 24.14 -10.48
N LEU B 160 22.95 23.39 -10.60
CA LEU B 160 23.46 22.55 -9.53
C LEU B 160 23.46 23.28 -8.19
N GLN B 161 22.92 22.64 -7.17
CA GLN B 161 22.83 23.19 -5.83
C GLN B 161 23.88 22.52 -4.93
N VAL B 162 24.23 23.21 -3.85
CA VAL B 162 25.24 22.72 -2.92
C VAL B 162 24.96 23.23 -1.52
N VAL B 163 25.31 22.42 -0.53
CA VAL B 163 25.13 22.80 0.86
C VAL B 163 26.14 22.00 1.70
N ASN B 164 26.64 22.59 2.78
CA ASN B 164 27.60 21.89 3.63
C ASN B 164 26.87 21.47 4.90
N LEU B 165 27.02 20.23 5.30
CA LEU B 165 26.35 19.75 6.51
C LEU B 165 27.33 19.04 7.43
N PRO B 166 27.06 19.07 8.75
CA PRO B 166 27.92 18.41 9.74
C PRO B 166 27.47 17.00 10.08
N ILE B 167 28.43 16.07 10.14
CA ILE B 167 28.16 14.68 10.48
C ILE B 167 27.63 14.64 11.92
N VAL B 168 26.61 13.82 12.16
CA VAL B 168 26.02 13.72 13.49
C VAL B 168 26.42 12.43 14.21
N GLU B 169 26.35 12.45 15.54
CA GLU B 169 26.71 11.30 16.35
C GLU B 169 25.71 10.16 16.16
N ARG B 170 26.22 8.93 16.11
CA ARG B 170 25.36 7.77 15.91
C ARG B 170 24.25 7.67 16.96
N PRO B 171 24.47 8.19 18.18
CA PRO B 171 23.42 8.12 19.20
C PRO B 171 22.23 9.01 18.82
N VAL B 172 22.53 10.21 18.35
CA VAL B 172 21.50 11.16 17.93
C VAL B 172 20.76 10.68 16.67
N CYS B 173 21.48 10.14 15.69
CA CYS B 173 20.85 9.65 14.47
C CYS B 173 19.81 8.59 14.83
N LYS B 174 20.25 7.57 15.56
CA LYS B 174 19.38 6.47 15.94
C LYS B 174 18.10 6.92 16.65
N ASP B 175 18.21 7.94 17.49
CA ASP B 175 17.04 8.42 18.22
C ASP B 175 16.18 9.41 17.45
N SER B 176 16.60 9.79 16.26
CA SER B 176 15.81 10.72 15.47
C SER B 176 14.80 9.97 14.60
N THR B 177 14.97 8.66 14.50
CA THR B 177 14.07 7.84 13.68
C THR B 177 13.83 6.43 14.20
N ARG B 178 12.73 5.83 13.77
CA ARG B 178 12.37 4.47 14.16
C ARG B 178 12.73 3.47 13.07
N ILE B 179 13.52 3.92 12.10
CA ILE B 179 13.96 3.03 11.03
C ILE B 179 15.30 2.42 11.48
N ARG B 180 15.32 1.10 11.63
CA ARG B 180 16.53 0.40 12.07
C ARG B 180 17.81 0.83 11.33
N ILE B 181 18.68 1.58 12.01
CA ILE B 181 19.93 2.04 11.42
C ILE B 181 21.00 0.96 11.46
N THR B 182 22.02 1.08 10.60
CA THR B 182 23.11 0.11 10.54
C THR B 182 24.46 0.83 10.40
N ASP B 183 25.55 0.10 10.62
CA ASP B 183 26.88 0.69 10.54
C ASP B 183 27.22 1.12 9.11
N ASN B 184 26.41 0.66 8.15
CA ASN B 184 26.67 1.00 6.75
C ASN B 184 26.11 2.36 6.36
N MET B 185 25.56 3.07 7.32
CA MET B 185 25.01 4.39 7.04
C MET B 185 25.60 5.31 8.07
N PHE B 186 25.35 6.60 7.89
CA PHE B 186 25.78 7.63 8.82
C PHE B 186 24.87 8.80 8.44
N CYS B 187 24.55 9.66 9.40
CA CYS B 187 23.66 10.77 9.10
C CYS B 187 24.35 12.12 9.23
N ALA B 188 23.89 13.10 8.46
CA ALA B 188 24.43 14.44 8.50
C ALA B 188 23.28 15.42 8.65
N GLY B 189 23.59 16.66 9.03
CA GLY B 189 22.56 17.68 9.20
C GLY B 189 22.60 18.38 10.54
N TYR B 190 22.12 19.62 10.56
CA TYR B 190 22.09 20.44 11.77
C TYR B 190 21.02 20.04 12.78
N LYS B 191 21.37 20.13 14.05
CA LYS B 191 20.44 19.82 15.13
C LYS B 191 19.51 21.02 15.27
N PRO B 192 18.34 20.85 15.90
CA PRO B 192 17.42 21.97 16.07
C PRO B 192 17.98 23.23 16.73
N ASP B 193 18.77 23.06 17.80
CA ASP B 193 19.35 24.22 18.48
C ASP B 193 20.63 24.72 17.84
N GLU B 194 20.72 24.63 16.52
CA GLU B 194 21.89 25.12 15.80
C GLU B 194 21.52 26.28 14.87
N GLY B 195 20.21 26.56 14.79
CA GLY B 195 19.72 27.66 13.98
C GLY B 195 19.82 27.51 12.48
N LYS B 196 21.02 27.20 12.00
CA LYS B 196 21.25 27.02 10.56
C LYS B 196 20.61 25.69 10.15
N ARG B 197 20.37 25.51 8.86
CA ARG B 197 19.76 24.26 8.41
C ARG B 197 20.18 23.86 6.98
N GLY B 198 19.47 22.89 6.40
CA GLY B 198 19.81 22.44 5.06
C GLY B 198 19.78 20.93 4.96
N ASP B 199 19.64 20.40 3.75
CA ASP B 199 19.57 18.96 3.56
C ASP B 199 19.43 18.58 2.10
N ALA B 200 19.47 17.28 1.85
CA ALA B 200 19.32 16.75 0.52
C ALA B 200 17.82 16.48 0.42
N CYS B 201 17.30 16.38 -0.79
CA CYS B 201 15.88 16.12 -0.95
C CYS B 201 15.63 15.23 -2.17
N GLU B 202 14.36 15.01 -2.50
CA GLU B 202 13.97 14.18 -3.62
C GLU B 202 14.75 14.56 -4.86
N GLY B 203 15.52 13.61 -5.40
CA GLY B 203 16.31 13.88 -6.58
C GLY B 203 17.80 13.96 -6.31
N ASP B 204 18.19 13.97 -5.04
CA ASP B 204 19.62 14.06 -4.70
C ASP B 204 20.26 12.71 -4.42
N ALA B 205 19.45 11.67 -4.27
CA ALA B 205 19.95 10.34 -3.99
C ALA B 205 21.00 9.97 -5.02
N GLY B 206 21.99 9.21 -4.58
CA GLY B 206 23.05 8.80 -5.49
C GLY B 206 24.11 9.85 -5.60
N GLY B 207 23.80 11.07 -5.19
CA GLY B 207 24.77 12.15 -5.27
C GLY B 207 25.86 11.94 -4.24
N PRO B 208 27.02 12.60 -4.38
CA PRO B 208 28.09 12.40 -3.42
C PRO B 208 28.18 13.36 -2.23
N PHE B 209 28.52 12.81 -1.07
CA PHE B 209 28.73 13.59 0.14
C PHE B 209 30.25 13.59 0.24
N VAL B 210 30.88 14.70 -0.11
CA VAL B 210 32.33 14.79 -0.12
C VAL B 210 32.96 15.61 0.99
N MET B 211 34.24 15.36 1.23
CA MET B 211 35.02 16.06 2.26
C MET B 211 36.41 16.34 1.73
N LYS B 212 36.96 17.49 2.08
CA LYS B 212 38.29 17.84 1.61
C LYS B 212 39.32 17.41 2.66
N SER B 213 40.32 16.67 2.21
CA SER B 213 41.37 16.21 3.09
C SER B 213 42.36 17.32 3.40
N PRO B 214 42.55 17.63 4.69
CA PRO B 214 43.49 18.69 5.08
C PRO B 214 44.91 18.16 4.93
N PHE B 215 45.03 16.85 4.78
CA PHE B 215 46.30 16.15 4.62
C PHE B 215 46.91 16.30 3.23
N ASN B 216 46.21 15.83 2.20
CA ASN B 216 46.73 15.95 0.84
C ASN B 216 45.94 16.97 0.02
N ASN B 217 44.99 17.64 0.66
CA ASN B 217 44.18 18.66 0.00
C ASN B 217 43.29 18.15 -1.14
N ARG B 218 42.95 16.87 -1.11
CA ARG B 218 42.11 16.28 -2.16
C ARG B 218 40.68 16.01 -1.67
N TRP B 219 39.72 15.98 -2.58
CA TRP B 219 38.34 15.71 -2.19
C TRP B 219 38.05 14.21 -2.16
N TYR B 220 37.35 13.78 -1.12
CA TYR B 220 37.02 12.37 -0.94
C TYR B 220 35.52 12.17 -0.76
N GLN B 221 34.97 11.17 -1.43
CA GLN B 221 33.54 10.89 -1.29
C GLN B 221 33.39 9.93 -0.12
N MET B 222 32.80 10.42 0.97
CA MET B 222 32.61 9.61 2.16
C MET B 222 31.22 9.03 2.19
N GLY B 223 30.30 9.71 1.51
CA GLY B 223 28.93 9.24 1.50
C GLY B 223 28.19 9.38 0.19
N ILE B 224 27.05 8.71 0.14
CA ILE B 224 26.16 8.71 -1.00
C ILE B 224 24.78 9.10 -0.47
N VAL B 225 24.17 10.14 -1.03
CA VAL B 225 22.83 10.53 -0.58
C VAL B 225 21.95 9.31 -0.70
N SER B 226 21.31 8.91 0.39
CA SER B 226 20.45 7.73 0.40
C SER B 226 18.98 7.91 0.78
N TRP B 227 18.72 8.41 1.98
CA TRP B 227 17.33 8.57 2.39
C TRP B 227 17.11 9.50 3.56
N GLY B 228 15.84 9.80 3.79
CA GLY B 228 15.45 10.65 4.89
C GLY B 228 13.95 10.52 5.05
N GLU B 229 13.39 11.32 5.94
CA GLU B 229 11.95 11.32 6.17
C GLU B 229 11.62 12.78 5.94
N GLY B 230 10.93 13.06 4.84
CA GLY B 230 10.64 14.45 4.51
C GLY B 230 11.97 15.08 4.09
N CYS B 231 12.04 16.41 4.12
CA CYS B 231 13.29 17.10 3.75
C CYS B 231 13.49 18.28 4.69
N ASP B 232 14.62 18.27 5.40
CA ASP B 232 14.94 19.35 6.33
C ASP B 232 13.90 19.55 7.42
N ARG B 233 13.34 18.45 7.93
CA ARG B 233 12.35 18.52 9.01
C ARG B 233 13.09 18.70 10.33
N ASP B 234 12.54 19.53 11.21
CA ASP B 234 13.17 19.77 12.50
C ASP B 234 13.31 18.46 13.30
N GLY B 235 14.51 18.22 13.83
CA GLY B 235 14.73 17.01 14.60
C GLY B 235 14.96 15.74 13.80
N LYS B 236 15.16 15.90 12.49
CA LYS B 236 15.41 14.77 11.60
C LYS B 236 16.72 15.03 10.86
N TYR B 237 17.38 13.96 10.40
CA TYR B 237 18.63 14.09 9.68
C TYR B 237 18.64 13.28 8.39
N GLY B 238 19.51 13.67 7.46
CA GLY B 238 19.59 12.95 6.20
C GLY B 238 20.56 11.79 6.36
N PHE B 239 20.26 10.67 5.71
CA PHE B 239 21.12 9.51 5.81
C PHE B 239 21.91 9.24 4.54
N TYR B 240 23.14 8.76 4.74
CA TYR B 240 24.06 8.50 3.65
C TYR B 240 24.71 7.14 3.75
N THR B 241 24.92 6.52 2.60
CA THR B 241 25.58 5.23 2.58
C THR B 241 27.05 5.49 2.91
N HIS B 242 27.59 4.67 3.81
CA HIS B 242 28.98 4.79 4.26
C HIS B 242 29.86 4.11 3.20
N VAL B 243 30.45 4.92 2.33
CA VAL B 243 31.27 4.41 1.23
C VAL B 243 32.49 3.59 1.60
N PHE B 244 33.29 4.07 2.54
CA PHE B 244 34.48 3.32 2.89
C PHE B 244 34.13 1.94 3.39
N ARG B 245 33.08 1.86 4.20
CA ARG B 245 32.70 0.58 4.76
C ARG B 245 32.23 -0.43 3.71
N LEU B 246 32.12 0.01 2.46
CA LEU B 246 31.70 -0.85 1.36
C LEU B 246 32.76 -0.91 0.27
N LYS B 247 33.96 -0.43 0.56
CA LYS B 247 35.03 -0.42 -0.42
C LYS B 247 35.46 -1.82 -0.84
N LYS B 248 35.33 -2.77 0.09
CA LYS B 248 35.66 -4.15 -0.18
C LYS B 248 34.81 -4.71 -1.33
N TRP B 249 33.52 -4.37 -1.33
CA TRP B 249 32.62 -4.85 -2.37
C TRP B 249 32.89 -4.13 -3.69
N ILE B 250 33.27 -2.85 -3.62
CA ILE B 250 33.56 -2.07 -4.81
C ILE B 250 34.77 -2.66 -5.51
N GLN B 251 35.79 -2.98 -4.74
CA GLN B 251 37.01 -3.55 -5.30
C GLN B 251 36.68 -4.92 -5.90
N LYS B 252 35.82 -5.66 -5.23
CA LYS B 252 35.41 -7.00 -5.66
C LYS B 252 34.74 -6.93 -7.04
N VAL B 253 33.95 -5.90 -7.28
CA VAL B 253 33.28 -5.75 -8.57
C VAL B 253 34.25 -5.27 -9.65
N ILE B 254 35.10 -4.31 -9.31
CA ILE B 254 36.04 -3.77 -10.26
C ILE B 254 37.07 -4.75 -10.82
N ASP B 255 37.96 -5.29 -10.00
CA ASP B 255 38.93 -6.23 -10.57
C ASP B 255 38.39 -7.64 -10.72
N GLN B 256 37.18 -7.71 -11.27
CA GLN B 256 36.50 -8.95 -11.54
C GLN B 256 35.62 -8.72 -12.77
N PHE B 257 35.17 -7.47 -12.95
CA PHE B 257 34.30 -7.09 -14.06
C PHE B 257 34.74 -5.90 -14.96
N GLY B 258 35.90 -5.31 -14.69
CA GLY B 258 36.36 -4.19 -15.53
C GLY B 258 37.54 -4.68 -16.37
N GLU B 259 37.72 -5.99 -16.27
CA GLU B 259 38.74 -6.85 -16.90
C GLU B 259 39.59 -6.50 -18.11
N PRO C 4 -10.70 -37.73 6.29
CA PRO C 4 -11.33 -36.39 6.46
C PRO C 4 -11.85 -35.86 5.12
N VAL C 5 -12.85 -35.00 5.18
CA VAL C 5 -13.44 -34.43 3.97
C VAL C 5 -13.09 -32.95 3.84
N ASP C 6 -12.24 -32.65 2.86
CA ASP C 6 -11.81 -31.26 2.61
C ASP C 6 -12.76 -30.64 1.59
N ILE C 7 -13.69 -29.81 2.08
CA ILE C 7 -14.65 -29.15 1.20
C ILE C 7 -13.96 -28.26 0.17
N CYS C 8 -12.77 -27.79 0.50
CA CYS C 8 -12.03 -26.92 -0.41
C CYS C 8 -11.40 -27.66 -1.58
N THR C 9 -11.34 -28.99 -1.50
CA THR C 9 -10.75 -29.80 -2.56
C THR C 9 -11.73 -30.82 -3.12
N ALA C 10 -12.70 -31.20 -2.29
CA ALA C 10 -13.72 -32.17 -2.67
C ALA C 10 -14.61 -31.67 -3.80
N LYS C 11 -15.21 -32.60 -4.53
CA LYS C 11 -16.10 -32.25 -5.63
C LYS C 11 -17.54 -32.67 -5.32
N PRO C 12 -18.52 -31.97 -5.93
CA PRO C 12 -19.95 -32.22 -5.74
C PRO C 12 -20.36 -33.66 -5.47
N ARG C 13 -19.84 -34.61 -6.24
CA ARG C 13 -20.18 -36.02 -6.06
C ARG C 13 -19.57 -36.65 -4.82
N ASP C 14 -18.34 -36.27 -4.47
CA ASP C 14 -17.66 -36.81 -3.29
C ASP C 14 -18.65 -37.01 -2.13
N ILE C 15 -19.58 -36.06 -1.97
CA ILE C 15 -20.56 -36.13 -0.90
C ILE C 15 -21.92 -35.58 -1.33
N PRO C 16 -22.96 -36.43 -1.25
CA PRO C 16 -24.33 -36.05 -1.64
C PRO C 16 -24.92 -35.04 -0.67
N MET C 17 -25.36 -33.90 -1.19
CA MET C 17 -25.94 -32.88 -0.34
C MET C 17 -26.97 -32.03 -1.07
N ASN C 18 -27.87 -32.69 -1.78
CA ASN C 18 -28.92 -32.00 -2.52
C ASN C 18 -29.98 -31.44 -1.57
N PRO C 19 -30.63 -30.33 -1.96
CA PRO C 19 -31.67 -29.72 -1.12
C PRO C 19 -32.96 -30.53 -1.16
N MET C 20 -33.91 -30.20 -0.29
CA MET C 20 -35.19 -30.92 -0.27
C MET C 20 -36.05 -30.50 -1.48
N CYS C 21 -35.84 -29.29 -1.96
CA CYS C 21 -36.57 -28.77 -3.09
C CYS C 21 -35.60 -28.03 -4.00
N ILE C 22 -35.91 -27.94 -5.29
CA ILE C 22 -35.06 -27.23 -6.22
C ILE C 22 -35.94 -26.23 -6.95
N TYR C 23 -35.32 -25.30 -7.66
CA TYR C 23 -36.07 -24.29 -8.38
C TYR C 23 -35.64 -24.11 -9.84
N ARG C 24 -36.58 -23.66 -10.66
CA ARG C 24 -36.34 -23.43 -12.08
C ARG C 24 -37.14 -22.22 -12.57
N SER C 25 -36.44 -21.26 -13.15
CA SER C 25 -37.07 -20.05 -13.66
C SER C 25 -37.37 -20.18 -15.15
N PRO C 26 -38.52 -19.64 -15.60
CA PRO C 26 -38.92 -19.69 -17.01
C PRO C 26 -37.89 -19.03 -17.94
N GLU C 37 -19.40 -8.75 -22.99
CA GLU C 37 -19.21 -9.83 -22.02
C GLU C 37 -17.87 -9.67 -21.31
N GLN C 38 -17.69 -10.42 -20.22
CA GLN C 38 -16.45 -10.39 -19.46
C GLN C 38 -15.74 -11.75 -19.58
N LYS C 39 -14.43 -11.74 -19.50
CA LYS C 39 -13.66 -12.98 -19.62
C LYS C 39 -13.56 -13.66 -18.26
N ILE C 40 -13.55 -14.99 -18.24
CA ILE C 40 -13.45 -15.69 -16.96
C ILE C 40 -12.03 -15.57 -16.44
N PRO C 41 -11.87 -15.31 -15.14
CA PRO C 41 -10.55 -15.17 -14.53
C PRO C 41 -9.72 -16.44 -14.61
N GLU C 42 -8.40 -16.28 -14.54
CA GLU C 42 -7.49 -17.41 -14.59
C GLU C 42 -7.65 -18.29 -13.36
N ALA C 43 -7.30 -19.56 -13.49
CA ALA C 43 -7.38 -20.51 -12.38
C ALA C 43 -8.65 -20.33 -11.55
N THR C 44 -9.81 -20.36 -12.19
CA THR C 44 -11.07 -20.18 -11.49
C THR C 44 -12.17 -21.09 -11.99
N ASN C 45 -12.92 -21.67 -11.07
CA ASN C 45 -14.03 -22.54 -11.46
C ASN C 45 -15.18 -21.65 -11.93
N ARG C 46 -15.70 -21.91 -13.12
CA ARG C 46 -16.78 -21.11 -13.70
C ARG C 46 -18.05 -20.94 -12.86
N ARG C 47 -18.37 -21.93 -12.04
CA ARG C 47 -19.58 -21.89 -11.21
C ARG C 47 -19.38 -20.95 -10.03
N VAL C 48 -18.18 -20.96 -9.46
CA VAL C 48 -17.82 -20.09 -8.36
C VAL C 48 -17.84 -18.66 -8.92
N TRP C 49 -17.50 -18.54 -10.19
CA TRP C 49 -17.48 -17.24 -10.84
C TRP C 49 -18.88 -16.71 -11.14
N GLU C 50 -19.78 -17.55 -11.63
CA GLU C 50 -21.11 -17.05 -11.92
C GLU C 50 -21.82 -16.73 -10.61
N LEU C 51 -21.33 -17.33 -9.53
CA LEU C 51 -21.90 -17.11 -8.21
C LEU C 51 -21.42 -15.74 -7.71
N SER C 52 -20.14 -15.47 -7.91
CA SER C 52 -19.55 -14.23 -7.49
C SER C 52 -20.18 -13.05 -8.25
N LYS C 53 -20.62 -13.30 -9.47
CA LYS C 53 -21.24 -12.23 -10.26
C LYS C 53 -22.67 -11.97 -9.81
N ALA C 54 -23.31 -12.98 -9.25
CA ALA C 54 -24.68 -12.85 -8.76
C ALA C 54 -24.67 -12.02 -7.48
N ASN C 55 -23.68 -12.27 -6.62
CA ASN C 55 -23.57 -11.52 -5.37
C ASN C 55 -23.39 -10.04 -5.66
N SER C 56 -22.66 -9.70 -6.73
CA SER C 56 -22.45 -8.30 -7.08
C SER C 56 -23.76 -7.65 -7.50
N ARG C 57 -24.63 -8.43 -8.15
CA ARG C 57 -25.92 -7.89 -8.59
C ARG C 57 -26.80 -7.71 -7.36
N PHE C 58 -26.60 -8.57 -6.37
CA PHE C 58 -27.37 -8.48 -5.14
C PHE C 58 -26.85 -7.26 -4.36
N ALA C 59 -25.55 -7.18 -4.17
CA ALA C 59 -24.96 -6.06 -3.44
C ALA C 59 -25.45 -4.71 -3.95
N THR C 60 -25.58 -4.57 -5.26
CA THR C 60 -26.06 -3.29 -5.80
C THR C 60 -27.46 -2.95 -5.29
N THR C 61 -28.42 -3.85 -5.49
CA THR C 61 -29.79 -3.59 -5.05
C THR C 61 -29.88 -3.45 -3.53
N PHE C 62 -29.15 -4.27 -2.80
CA PHE C 62 -29.21 -4.21 -1.36
C PHE C 62 -28.62 -2.92 -0.81
N TYR C 63 -27.44 -2.57 -1.29
CA TYR C 63 -26.80 -1.35 -0.79
C TYR C 63 -27.73 -0.16 -1.01
N GLN C 64 -28.43 -0.15 -2.13
CA GLN C 64 -29.32 0.96 -2.42
C GLN C 64 -30.42 1.12 -1.37
N HIS C 65 -31.12 0.04 -1.05
CA HIS C 65 -32.17 0.10 -0.04
C HIS C 65 -31.59 0.56 1.28
N LEU C 66 -30.44 0.01 1.65
CA LEU C 66 -29.80 0.35 2.91
C LEU C 66 -29.44 1.81 3.02
N ALA C 67 -28.94 2.39 1.93
CA ALA C 67 -28.55 3.79 1.90
C ALA C 67 -29.76 4.71 2.02
N ASP C 68 -30.84 4.34 1.33
CA ASP C 68 -32.07 5.14 1.37
C ASP C 68 -32.88 4.85 2.62
N SER C 69 -32.21 4.37 3.67
CA SER C 69 -32.87 4.06 4.92
C SER C 69 -32.00 4.56 6.06
N LYS C 70 -30.88 5.18 5.71
CA LYS C 70 -29.96 5.73 6.70
C LYS C 70 -29.78 7.21 6.41
N ASN C 71 -29.06 7.88 7.30
CA ASN C 71 -28.80 9.30 7.16
C ASN C 71 -27.52 9.49 6.35
N ASP C 72 -27.57 10.37 5.35
CA ASP C 72 -26.41 10.65 4.51
C ASP C 72 -25.12 10.83 5.31
N ASN C 73 -25.23 11.17 6.58
CA ASN C 73 -24.08 11.39 7.43
C ASN C 73 -23.70 10.20 8.29
N ASP C 74 -24.31 9.06 7.99
CA ASP C 74 -24.03 7.83 8.72
C ASP C 74 -23.05 6.99 7.92
N ASN C 75 -22.13 6.34 8.61
CA ASN C 75 -21.20 5.46 7.92
C ASN C 75 -21.94 4.17 7.62
N ILE C 76 -21.40 3.38 6.69
CA ILE C 76 -21.99 2.11 6.34
C ILE C 76 -20.86 1.15 6.05
N PHE C 77 -21.06 -0.10 6.43
CA PHE C 77 -20.08 -1.13 6.17
C PHE C 77 -20.79 -2.46 6.31
N LEU C 78 -20.70 -3.29 5.29
CA LEU C 78 -21.36 -4.58 5.32
C LEU C 78 -20.67 -5.52 4.36
N SER C 79 -21.02 -6.79 4.45
CA SER C 79 -20.47 -7.79 3.55
C SER C 79 -21.63 -8.48 2.82
N PRO C 80 -21.92 -8.07 1.58
CA PRO C 80 -23.03 -8.72 0.88
C PRO C 80 -22.76 -10.23 0.70
N LEU C 81 -21.49 -10.56 0.53
CA LEU C 81 -21.06 -11.94 0.35
C LEU C 81 -21.46 -12.78 1.57
N SER C 82 -21.21 -12.26 2.77
CA SER C 82 -21.57 -12.99 3.98
C SER C 82 -23.11 -13.15 4.11
N ILE C 83 -23.86 -12.14 3.68
CA ILE C 83 -25.33 -12.20 3.73
C ILE C 83 -25.88 -13.25 2.74
N SER C 84 -25.39 -13.20 1.50
CA SER C 84 -25.84 -14.14 0.49
C SER C 84 -25.52 -15.55 0.92
N THR C 85 -24.36 -15.76 1.55
CA THR C 85 -24.00 -17.09 2.00
C THR C 85 -24.99 -17.57 3.06
N ALA C 86 -25.29 -16.70 4.01
CA ALA C 86 -26.21 -17.03 5.09
C ALA C 86 -27.59 -17.44 4.62
N PHE C 87 -28.18 -16.67 3.70
CA PHE C 87 -29.49 -17.03 3.20
C PHE C 87 -29.47 -18.20 2.21
N ALA C 88 -28.27 -18.62 1.80
CA ALA C 88 -28.17 -19.77 0.92
C ALA C 88 -28.37 -21.01 1.79
N MET C 89 -28.17 -20.83 3.10
CA MET C 89 -28.35 -21.92 4.06
C MET C 89 -29.83 -22.17 4.36
N THR C 90 -30.66 -21.15 4.23
CA THR C 90 -32.08 -21.34 4.47
C THR C 90 -32.65 -21.93 3.18
N LYS C 91 -32.11 -21.45 2.05
CA LYS C 91 -32.48 -21.89 0.72
C LYS C 91 -32.34 -23.40 0.67
N LEU C 92 -31.38 -23.91 1.43
CA LEU C 92 -31.12 -25.35 1.49
C LEU C 92 -32.35 -26.15 1.91
N GLY C 93 -33.17 -25.57 2.79
CA GLY C 93 -34.35 -26.27 3.25
C GLY C 93 -35.66 -25.62 2.86
N ALA C 94 -35.61 -24.65 1.96
CA ALA C 94 -36.82 -23.94 1.53
C ALA C 94 -37.56 -24.63 0.39
N CYS C 95 -38.86 -24.35 0.29
CA CYS C 95 -39.71 -24.90 -0.76
C CYS C 95 -40.77 -23.87 -1.15
N ASN C 96 -41.45 -24.12 -2.27
CA ASN C 96 -42.51 -23.24 -2.76
C ASN C 96 -42.18 -21.75 -2.88
N ASP C 97 -43.10 -20.88 -2.47
CA ASP C 97 -42.89 -19.44 -2.57
C ASP C 97 -41.74 -18.89 -1.73
N THR C 98 -41.40 -19.59 -0.65
CA THR C 98 -40.31 -19.14 0.20
C THR C 98 -39.01 -19.28 -0.59
N LEU C 99 -38.87 -20.40 -1.28
CA LEU C 99 -37.68 -20.68 -2.10
C LEU C 99 -37.57 -19.76 -3.29
N GLN C 100 -38.68 -19.55 -3.98
CA GLN C 100 -38.69 -18.71 -5.17
C GLN C 100 -38.22 -17.31 -4.81
N GLN C 101 -38.83 -16.75 -3.76
CA GLN C 101 -38.48 -15.41 -3.31
C GLN C 101 -37.00 -15.32 -3.00
N LEU C 102 -36.47 -16.31 -2.29
CA LEU C 102 -35.06 -16.35 -1.97
C LEU C 102 -34.23 -16.25 -3.25
N MET C 103 -34.59 -17.06 -4.24
CA MET C 103 -33.87 -17.10 -5.52
C MET C 103 -33.90 -15.76 -6.25
N GLU C 104 -35.07 -15.13 -6.31
CA GLU C 104 -35.20 -13.86 -7.01
C GLU C 104 -34.55 -12.70 -6.27
N VAL C 105 -34.68 -12.66 -4.95
CA VAL C 105 -34.09 -11.58 -4.18
C VAL C 105 -32.58 -11.60 -4.18
N PHE C 106 -31.99 -12.78 -4.05
CA PHE C 106 -30.54 -12.91 -4.02
C PHE C 106 -29.91 -13.10 -5.39
N LYS C 107 -30.75 -13.08 -6.43
CA LYS C 107 -30.30 -13.22 -7.80
C LYS C 107 -29.78 -14.61 -8.12
N PHE C 108 -30.25 -15.61 -7.38
CA PHE C 108 -29.83 -16.98 -7.63
C PHE C 108 -30.63 -17.55 -8.80
N ASP C 109 -31.74 -16.89 -9.14
CA ASP C 109 -32.60 -17.34 -10.22
C ASP C 109 -32.02 -17.07 -11.60
N THR C 110 -30.77 -16.63 -11.66
CA THR C 110 -30.13 -16.35 -12.94
C THR C 110 -29.14 -17.47 -13.32
N ILE C 111 -28.27 -17.83 -12.38
CA ILE C 111 -27.26 -18.87 -12.59
C ILE C 111 -27.85 -20.18 -13.15
N SER C 112 -26.97 -21.11 -13.51
CA SER C 112 -27.33 -22.41 -14.07
C SER C 112 -27.92 -23.37 -13.04
N GLU C 113 -28.55 -24.43 -13.55
CA GLU C 113 -29.20 -25.45 -12.72
C GLU C 113 -28.29 -26.05 -11.67
N LYS C 114 -27.20 -26.68 -12.12
CA LYS C 114 -26.28 -27.33 -11.20
C LYS C 114 -25.73 -26.40 -10.13
N THR C 115 -25.37 -25.18 -10.54
CA THR C 115 -24.82 -24.24 -9.58
C THR C 115 -25.90 -23.90 -8.57
N SER C 116 -27.11 -23.66 -9.08
CA SER C 116 -28.25 -23.35 -8.25
C SER C 116 -28.56 -24.45 -7.23
N ASP C 117 -28.65 -25.70 -7.68
CA ASP C 117 -28.96 -26.83 -6.80
C ASP C 117 -27.94 -27.08 -5.68
N GLN C 118 -26.66 -26.86 -5.96
CA GLN C 118 -25.62 -27.08 -4.96
C GLN C 118 -25.04 -25.74 -4.52
N ILE C 119 -25.84 -24.68 -4.62
CA ILE C 119 -25.38 -23.34 -4.28
C ILE C 119 -24.64 -23.27 -2.94
N HIS C 120 -25.16 -23.95 -1.93
CA HIS C 120 -24.52 -23.94 -0.61
C HIS C 120 -23.08 -24.44 -0.71
N PHE C 121 -22.89 -25.50 -1.48
CA PHE C 121 -21.57 -26.09 -1.69
C PHE C 121 -20.63 -25.09 -2.37
N PHE C 122 -21.07 -24.55 -3.51
CA PHE C 122 -20.28 -23.60 -4.27
C PHE C 122 -19.98 -22.30 -3.52
N PHE C 123 -20.78 -22.00 -2.50
CA PHE C 123 -20.53 -20.82 -1.69
C PHE C 123 -19.36 -21.15 -0.78
N ALA C 124 -19.29 -22.41 -0.35
CA ALA C 124 -18.19 -22.86 0.50
C ALA C 124 -16.93 -22.75 -0.35
N LYS C 125 -17.03 -23.26 -1.58
CA LYS C 125 -15.93 -23.22 -2.52
C LYS C 125 -15.45 -21.79 -2.70
N LEU C 126 -16.39 -20.88 -2.98
CA LEU C 126 -16.05 -19.48 -3.15
C LEU C 126 -15.35 -18.95 -1.89
N ASN C 127 -15.93 -19.22 -0.73
CA ASN C 127 -15.38 -18.77 0.53
C ASN C 127 -14.01 -19.35 0.86
N CYS C 128 -13.84 -20.66 0.65
CA CYS C 128 -12.54 -21.30 0.89
C CYS C 128 -11.48 -20.42 0.23
N ARG C 129 -11.64 -20.22 -1.06
CA ARG C 129 -10.72 -19.43 -1.85
C ARG C 129 -10.44 -18.05 -1.28
N LEU C 130 -11.49 -17.40 -0.79
CA LEU C 130 -11.33 -16.04 -0.23
C LEU C 130 -10.73 -16.04 1.16
N TYR C 131 -11.05 -17.06 1.96
CA TYR C 131 -10.50 -17.12 3.30
C TYR C 131 -8.98 -17.24 3.30
N ARG C 132 -8.46 -18.22 2.54
CA ARG C 132 -7.02 -18.43 2.49
C ARG C 132 -6.19 -17.33 1.81
N LYS C 133 -6.84 -16.47 1.05
CA LYS C 133 -6.15 -15.37 0.35
C LYS C 133 -5.96 -14.15 1.25
N ALA C 134 -6.97 -13.87 2.06
CA ALA C 134 -6.94 -12.73 2.96
C ALA C 134 -6.12 -12.99 4.22
N ASN C 135 -6.11 -14.22 4.69
CA ASN C 135 -5.36 -14.57 5.89
C ASN C 135 -3.89 -14.83 5.66
N LYS C 136 -3.46 -14.75 4.40
CA LYS C 136 -2.04 -14.95 4.06
C LYS C 136 -1.23 -13.97 4.92
N ALA C 137 -1.71 -12.74 4.94
CA ALA C 137 -1.06 -11.69 5.72
C ALA C 137 -2.12 -10.83 6.43
N SER C 138 -3.23 -10.56 5.73
CA SER C 138 -4.31 -9.75 6.26
C SER C 138 -5.19 -10.43 7.32
N LYS C 139 -6.08 -9.65 7.94
CA LYS C 139 -6.96 -10.16 8.99
C LYS C 139 -8.40 -10.34 8.56
N LEU C 140 -8.81 -11.60 8.34
CA LEU C 140 -10.19 -11.89 7.93
C LEU C 140 -10.93 -12.97 8.75
N VAL C 141 -11.41 -12.61 9.94
CA VAL C 141 -12.13 -13.55 10.81
C VAL C 141 -13.65 -13.35 10.73
N SER C 142 -14.40 -14.42 10.97
CA SER C 142 -15.86 -14.33 10.93
C SER C 142 -16.55 -15.29 11.90
N ALA C 143 -17.82 -15.04 12.19
CA ALA C 143 -18.59 -15.88 13.10
C ALA C 143 -20.02 -15.98 12.59
N ASN C 144 -20.35 -17.07 11.91
CA ASN C 144 -21.69 -17.22 11.37
C ASN C 144 -22.40 -18.41 11.95
N ARG C 145 -23.71 -18.30 12.08
CA ARG C 145 -24.49 -19.38 12.63
C ARG C 145 -25.97 -19.10 12.64
N LEU C 146 -26.74 -20.18 12.71
CA LEU C 146 -28.19 -20.13 12.77
C LEU C 146 -28.54 -20.73 14.12
N PHE C 147 -29.49 -20.13 14.82
CA PHE C 147 -29.88 -20.63 16.12
C PHE C 147 -31.37 -20.96 16.11
N GLY C 148 -31.72 -22.15 16.60
CA GLY C 148 -33.12 -22.53 16.64
C GLY C 148 -33.58 -22.83 18.04
N ASP C 149 -34.87 -22.74 18.31
CA ASP C 149 -35.37 -23.04 19.65
C ASP C 149 -35.23 -24.54 19.85
N LYS C 150 -34.76 -24.93 21.03
CA LYS C 150 -34.53 -26.33 21.36
C LYS C 150 -35.76 -27.24 21.33
N SER C 151 -36.95 -26.66 21.51
CA SER C 151 -38.16 -27.47 21.49
C SER C 151 -38.38 -28.15 20.14
N LEU C 152 -37.75 -27.62 19.09
CA LEU C 152 -37.90 -28.20 17.76
C LEU C 152 -36.97 -29.37 17.51
N THR C 153 -37.31 -30.19 16.51
CA THR C 153 -36.50 -31.34 16.12
C THR C 153 -35.97 -31.07 14.73
N PHE C 154 -34.68 -30.79 14.63
CA PHE C 154 -34.06 -30.47 13.37
C PHE C 154 -33.61 -31.66 12.54
N ASN C 155 -33.64 -31.50 11.22
CA ASN C 155 -33.24 -32.54 10.29
C ASN C 155 -31.74 -32.81 10.40
N GLU C 156 -31.39 -34.01 10.83
CA GLU C 156 -29.99 -34.37 11.00
C GLU C 156 -29.17 -34.34 9.71
N THR C 157 -29.81 -34.61 8.58
CA THR C 157 -29.10 -34.59 7.30
C THR C 157 -28.72 -33.14 6.98
N TYR C 158 -29.63 -32.23 7.29
CA TYR C 158 -29.43 -30.80 7.07
C TYR C 158 -28.30 -30.35 7.97
N GLN C 159 -28.25 -30.88 9.19
CA GLN C 159 -27.19 -30.53 10.12
C GLN C 159 -25.82 -30.95 9.57
N ASP C 160 -25.71 -32.19 9.13
CA ASP C 160 -24.45 -32.70 8.60
C ASP C 160 -23.95 -31.88 7.42
N ILE C 161 -24.88 -31.42 6.59
CA ILE C 161 -24.51 -30.62 5.43
C ILE C 161 -24.12 -29.22 5.88
N SER C 162 -24.86 -28.68 6.83
CA SER C 162 -24.58 -27.36 7.35
C SER C 162 -23.18 -27.30 7.96
N GLU C 163 -22.84 -28.27 8.78
CA GLU C 163 -21.52 -28.27 9.42
C GLU C 163 -20.37 -28.43 8.43
N LEU C 164 -20.63 -29.18 7.36
CA LEU C 164 -19.63 -29.41 6.34
C LEU C 164 -19.42 -28.17 5.47
N VAL C 165 -20.51 -27.59 5.00
CA VAL C 165 -20.46 -26.45 4.10
C VAL C 165 -20.51 -25.03 4.70
N TYR C 166 -21.05 -24.89 5.91
CA TYR C 166 -21.16 -23.59 6.56
C TYR C 166 -20.30 -23.45 7.82
N GLY C 167 -19.53 -24.48 8.13
CA GLY C 167 -18.67 -24.43 9.30
C GLY C 167 -19.28 -24.93 10.60
N ALA C 168 -20.59 -24.74 10.76
CA ALA C 168 -21.26 -25.18 11.98
C ALA C 168 -22.70 -25.52 11.67
N LYS C 169 -23.27 -26.39 12.50
CA LYS C 169 -24.65 -26.74 12.29
C LYS C 169 -25.55 -25.94 13.20
N LEU C 170 -26.80 -25.77 12.78
CA LEU C 170 -27.78 -25.00 13.52
C LEU C 170 -27.70 -25.30 15.01
N GLN C 171 -27.58 -24.25 15.81
CA GLN C 171 -27.45 -24.35 17.26
C GLN C 171 -28.74 -24.13 18.05
N PRO C 172 -29.22 -25.19 18.72
CA PRO C 172 -30.45 -25.15 19.52
C PRO C 172 -30.26 -24.30 20.78
N LEU C 173 -31.25 -23.43 21.06
CA LEU C 173 -31.20 -22.59 22.25
C LEU C 173 -32.58 -22.54 22.89
N ASP C 174 -32.65 -22.12 24.14
CA ASP C 174 -33.94 -22.06 24.83
C ASP C 174 -34.57 -20.67 24.80
N PHE C 175 -35.13 -20.29 23.66
CA PHE C 175 -35.75 -18.98 23.50
C PHE C 175 -37.02 -18.81 24.33
N LYS C 176 -37.80 -19.88 24.42
CA LYS C 176 -39.07 -19.88 25.15
C LYS C 176 -38.97 -19.62 26.64
N GLU C 177 -37.93 -20.15 27.28
CA GLU C 177 -37.73 -19.99 28.71
C GLU C 177 -36.58 -19.08 29.06
N ASN C 178 -35.60 -18.97 28.16
CA ASN C 178 -34.44 -18.11 28.42
C ASN C 178 -34.01 -17.25 27.23
N ALA C 179 -34.87 -16.32 26.85
CA ALA C 179 -34.58 -15.43 25.72
C ALA C 179 -33.37 -14.51 25.99
N GLU C 180 -33.32 -13.86 27.15
CA GLU C 180 -32.20 -12.99 27.45
C GLU C 180 -30.90 -13.78 27.55
N GLN C 181 -30.94 -14.91 28.24
CA GLN C 181 -29.75 -15.73 28.39
C GLN C 181 -29.29 -16.28 27.04
N SER C 182 -30.25 -16.63 26.18
CA SER C 182 -29.92 -17.09 24.85
C SER C 182 -29.34 -15.89 24.08
N ARG C 183 -29.86 -14.70 24.35
CA ARG C 183 -29.39 -13.48 23.70
C ARG C 183 -27.92 -13.26 24.10
N ALA C 184 -27.64 -13.40 25.40
CA ALA C 184 -26.29 -13.23 25.93
C ALA C 184 -25.36 -14.32 25.41
N ALA C 185 -25.86 -15.55 25.31
CA ALA C 185 -25.02 -16.62 24.84
C ALA C 185 -24.62 -16.35 23.38
N ILE C 186 -25.56 -15.84 22.58
CA ILE C 186 -25.26 -15.54 21.20
C ILE C 186 -24.21 -14.42 21.07
N ASN C 187 -24.37 -13.33 21.83
CA ASN C 187 -23.41 -12.23 21.76
C ASN C 187 -22.05 -12.69 22.29
N LYS C 188 -22.06 -13.46 23.37
CA LYS C 188 -20.82 -13.97 23.94
C LYS C 188 -20.12 -14.90 22.94
N TRP C 189 -20.90 -15.72 22.23
CA TRP C 189 -20.35 -16.66 21.26
C TRP C 189 -19.74 -15.96 20.05
N VAL C 190 -20.39 -14.90 19.59
CA VAL C 190 -19.87 -14.15 18.45
C VAL C 190 -18.59 -13.47 18.90
N SER C 191 -18.63 -12.85 20.08
CA SER C 191 -17.48 -12.16 20.63
C SER C 191 -16.29 -13.10 20.84
N ASN C 192 -16.58 -14.32 21.26
CA ASN C 192 -15.53 -15.32 21.48
C ASN C 192 -14.84 -15.65 20.15
N LYS C 193 -15.64 -15.98 19.14
CA LYS C 193 -15.14 -16.35 17.83
C LYS C 193 -14.38 -15.24 17.11
N THR C 194 -14.51 -13.99 17.57
CA THR C 194 -13.83 -12.88 16.91
C THR C 194 -12.89 -12.12 17.86
N GLU C 195 -12.52 -12.77 18.96
CA GLU C 195 -11.63 -12.17 19.95
C GLU C 195 -12.02 -10.76 20.38
N GLY C 196 -13.27 -10.61 20.83
CA GLY C 196 -13.74 -9.31 21.30
C GLY C 196 -13.91 -8.21 20.28
N ARG C 197 -13.64 -8.52 19.01
CA ARG C 197 -13.77 -7.53 17.95
C ARG C 197 -15.21 -7.11 17.65
N ILE C 198 -16.13 -8.07 17.60
CA ILE C 198 -17.52 -7.76 17.32
C ILE C 198 -18.38 -8.10 18.52
N THR C 199 -19.02 -7.08 19.07
CA THR C 199 -19.86 -7.26 20.25
C THR C 199 -21.29 -6.78 20.04
N ASP C 200 -22.20 -7.34 20.83
CA ASP C 200 -23.62 -6.99 20.79
C ASP C 200 -24.28 -7.06 19.42
N VAL C 201 -24.02 -8.13 18.71
CA VAL C 201 -24.61 -8.33 17.40
C VAL C 201 -26.12 -8.23 17.52
N ILE C 202 -26.67 -8.90 18.53
CA ILE C 202 -28.11 -8.89 18.72
C ILE C 202 -28.48 -7.98 19.86
N PRO C 203 -29.25 -6.91 19.57
CA PRO C 203 -29.71 -5.90 20.53
C PRO C 203 -30.80 -6.49 21.41
N SER C 204 -30.94 -6.04 22.64
CA SER C 204 -32.00 -6.60 23.48
C SER C 204 -33.33 -6.21 22.89
N GLU C 205 -34.30 -7.11 23.01
CA GLU C 205 -35.67 -6.93 22.50
C GLU C 205 -35.84 -7.67 21.19
N ALA C 206 -34.75 -7.87 20.46
CA ALA C 206 -34.80 -8.55 19.18
C ALA C 206 -35.07 -10.03 19.39
N ILE C 207 -34.89 -10.50 20.61
CA ILE C 207 -35.12 -11.90 20.91
C ILE C 207 -36.06 -12.06 22.11
N ASN C 208 -37.23 -12.66 21.90
CA ASN C 208 -38.18 -12.89 22.98
C ASN C 208 -38.62 -14.36 22.96
N GLU C 209 -39.70 -14.68 23.67
CA GLU C 209 -40.15 -16.06 23.77
C GLU C 209 -40.80 -16.64 22.53
N LEU C 210 -41.08 -15.80 21.53
CA LEU C 210 -41.68 -16.31 20.30
C LEU C 210 -40.59 -16.56 19.23
N THR C 211 -39.34 -16.27 19.57
CA THR C 211 -38.25 -16.47 18.61
C THR C 211 -38.08 -17.96 18.34
N VAL C 212 -37.97 -18.36 17.08
CA VAL C 212 -37.78 -19.76 16.77
C VAL C 212 -36.48 -20.02 16.01
N LEU C 213 -36.15 -19.12 15.09
CA LEU C 213 -34.94 -19.27 14.28
C LEU C 213 -34.31 -17.90 14.03
N VAL C 214 -33.01 -17.81 14.27
CA VAL C 214 -32.28 -16.56 14.10
C VAL C 214 -31.02 -16.75 13.27
N LEU C 215 -30.80 -15.88 12.30
CA LEU C 215 -29.59 -15.94 11.50
C LEU C 215 -28.64 -14.89 12.04
N VAL C 216 -27.36 -15.25 12.11
CA VAL C 216 -26.35 -14.34 12.61
C VAL C 216 -25.06 -14.47 11.78
N ASN C 217 -24.67 -13.42 11.08
CA ASN C 217 -23.44 -13.48 10.32
C ASN C 217 -22.65 -12.21 10.54
N THR C 218 -21.47 -12.38 11.14
CA THR C 218 -20.58 -11.27 11.47
C THR C 218 -19.22 -11.51 10.83
N ILE C 219 -18.54 -10.43 10.47
CA ILE C 219 -17.25 -10.54 9.83
C ILE C 219 -16.35 -9.35 10.18
N TYR C 220 -15.05 -9.63 10.35
CA TYR C 220 -14.06 -8.62 10.73
C TYR C 220 -12.88 -8.61 9.75
N PHE C 221 -12.23 -7.46 9.57
CA PHE C 221 -11.09 -7.35 8.66
C PHE C 221 -10.16 -6.18 8.97
N LYS C 222 -8.87 -6.39 8.71
CA LYS C 222 -7.82 -5.39 8.91
C LYS C 222 -6.62 -5.99 8.14
N GLY C 223 -6.53 -5.60 6.88
CA GLY C 223 -5.46 -6.12 6.05
C GLY C 223 -4.19 -5.32 6.21
N LEU C 224 -3.07 -6.04 6.15
CA LEU C 224 -1.76 -5.43 6.26
C LEU C 224 -1.55 -4.69 4.93
N TRP C 225 -1.39 -3.37 4.97
CA TRP C 225 -1.18 -2.62 3.72
C TRP C 225 0.06 -3.14 3.01
N LYS C 226 0.03 -3.16 1.68
CA LYS C 226 1.20 -3.58 0.93
C LYS C 226 2.24 -2.46 1.14
N SER C 227 1.80 -1.22 1.08
CA SER C 227 2.67 -0.07 1.32
C SER C 227 1.98 0.74 2.40
N LYS C 228 2.51 0.66 3.62
CA LYS C 228 1.89 1.35 4.74
C LYS C 228 2.23 2.81 4.91
N PHE C 229 1.38 3.50 5.67
CA PHE C 229 1.58 4.92 5.96
C PHE C 229 2.44 5.04 7.21
N SER C 230 3.29 6.06 7.25
CA SER C 230 4.10 6.29 8.44
C SER C 230 3.32 7.18 9.38
N PRO C 231 3.25 6.80 10.67
CA PRO C 231 2.52 7.58 11.67
C PRO C 231 3.01 9.03 11.80
N GLU C 232 4.29 9.25 11.57
CA GLU C 232 4.85 10.61 11.68
C GLU C 232 4.35 11.58 10.62
N ASN C 233 3.57 11.09 9.66
CA ASN C 233 3.02 11.96 8.62
C ASN C 233 1.54 12.13 8.88
N THR C 234 1.07 11.62 10.01
CA THR C 234 -0.34 11.73 10.36
C THR C 234 -0.63 12.97 11.19
N ARG C 235 -1.69 13.70 10.85
CA ARG C 235 -2.04 14.88 11.60
C ARG C 235 -3.51 15.20 11.49
N LYS C 236 -4.00 16.02 12.41
CA LYS C 236 -5.39 16.41 12.41
C LYS C 236 -5.60 17.38 11.25
N GLU C 237 -6.78 17.30 10.65
CA GLU C 237 -7.15 18.13 9.53
C GLU C 237 -8.66 18.07 9.48
N LEU C 238 -9.27 19.09 8.91
CA LEU C 238 -10.71 19.10 8.81
C LEU C 238 -11.19 18.11 7.76
N PHE C 239 -12.40 17.60 7.97
CA PHE C 239 -13.03 16.67 7.07
C PHE C 239 -14.42 17.28 6.90
N TYR C 240 -14.82 17.51 5.66
CA TYR C 240 -16.10 18.14 5.37
C TYR C 240 -17.24 17.15 5.13
N LYS C 241 -18.12 17.01 6.12
CA LYS C 241 -19.24 16.09 6.02
C LYS C 241 -20.34 16.60 5.11
N ALA C 242 -21.21 15.70 4.67
CA ALA C 242 -22.30 16.05 3.75
C ALA C 242 -23.27 17.14 4.24
N ASP C 243 -23.57 17.17 5.52
CA ASP C 243 -24.48 18.20 6.02
C ASP C 243 -23.92 19.59 5.73
N GLY C 244 -22.66 19.80 6.08
CA GLY C 244 -22.03 21.09 5.85
C GLY C 244 -21.08 21.47 6.97
N GLU C 245 -21.00 20.63 7.99
CA GLU C 245 -20.13 20.89 9.14
C GLU C 245 -18.70 20.38 8.91
N SER C 246 -17.75 20.99 9.62
CA SER C 246 -16.35 20.63 9.52
C SER C 246 -16.20 19.37 10.34
N CYS C 247 -14.99 19.07 10.84
CA CYS C 247 -14.79 17.84 11.61
C CYS C 247 -13.30 17.55 11.69
N SER C 248 -12.77 17.41 12.90
CA SER C 248 -11.35 17.16 13.05
C SER C 248 -11.02 15.68 12.94
N ALA C 249 -10.35 15.30 11.86
CA ALA C 249 -9.99 13.92 11.62
C ALA C 249 -8.49 13.71 11.54
N SER C 250 -8.04 12.49 11.78
CA SER C 250 -6.62 12.17 11.70
C SER C 250 -6.36 11.76 10.25
N MET C 251 -5.61 12.59 9.55
CA MET C 251 -5.33 12.35 8.15
C MET C 251 -3.97 11.69 7.95
N MET C 252 -3.95 10.52 7.31
CA MET C 252 -2.71 9.82 7.04
C MET C 252 -2.24 10.29 5.67
N TYR C 253 -0.95 10.13 5.39
CA TYR C 253 -0.40 10.57 4.12
C TYR C 253 0.76 9.69 3.63
N GLN C 254 0.87 9.56 2.32
CA GLN C 254 1.98 8.81 1.73
C GLN C 254 2.08 9.02 0.23
N GLU C 255 3.22 8.62 -0.31
CA GLU C 255 3.47 8.73 -1.73
C GLU C 255 3.86 7.32 -2.09
N GLY C 256 3.48 6.89 -3.28
CA GLY C 256 3.82 5.56 -3.71
C GLY C 256 3.23 5.31 -5.07
N LYS C 257 3.34 4.07 -5.55
CA LYS C 257 2.77 3.72 -6.84
C LYS C 257 1.42 3.08 -6.57
N PHE C 258 0.39 3.57 -7.21
CA PHE C 258 -0.96 3.05 -6.99
C PHE C 258 -1.74 3.10 -8.28
N ARG C 259 -2.75 2.24 -8.39
CA ARG C 259 -3.59 2.23 -9.57
C ARG C 259 -4.59 3.35 -9.33
N TYR C 260 -4.63 4.34 -10.22
CA TYR C 260 -5.50 5.50 -10.08
C TYR C 260 -6.23 5.84 -11.37
N ARG C 261 -7.26 6.69 -11.27
CA ARG C 261 -8.02 7.11 -12.42
C ARG C 261 -9.03 8.22 -12.10
N ARG C 262 -9.06 9.27 -12.90
CA ARG C 262 -10.06 10.31 -12.68
C ARG C 262 -11.11 10.01 -13.74
N VAL C 263 -12.32 9.69 -13.31
CA VAL C 263 -13.40 9.35 -14.24
C VAL C 263 -14.37 10.48 -14.53
N ALA C 264 -15.55 10.10 -14.99
CA ALA C 264 -16.61 11.05 -15.34
C ALA C 264 -16.99 11.99 -14.20
N GLU C 265 -17.15 13.27 -14.56
CA GLU C 265 -17.51 14.31 -13.60
C GLU C 265 -16.48 14.51 -12.50
N GLY C 266 -15.22 14.24 -12.80
CA GLY C 266 -14.17 14.45 -11.82
C GLY C 266 -14.10 13.51 -10.63
N THR C 267 -14.83 12.41 -10.66
CA THR C 267 -14.77 11.46 -9.57
C THR C 267 -13.43 10.74 -9.63
N GLN C 268 -12.76 10.60 -8.49
CA GLN C 268 -11.46 9.94 -8.44
C GLN C 268 -11.57 8.53 -7.87
N VAL C 269 -10.87 7.59 -8.51
CA VAL C 269 -10.85 6.19 -8.11
C VAL C 269 -9.44 5.79 -7.70
N LEU C 270 -9.30 5.17 -6.54
CA LEU C 270 -7.99 4.76 -6.06
C LEU C 270 -8.05 3.35 -5.52
N GLU C 271 -6.98 2.60 -5.75
CA GLU C 271 -6.91 1.24 -5.25
C GLU C 271 -5.69 1.07 -4.37
N LEU C 272 -5.92 0.75 -3.10
CA LEU C 272 -4.80 0.52 -2.18
C LEU C 272 -4.76 -0.96 -1.88
N PRO C 273 -3.75 -1.66 -2.44
CA PRO C 273 -3.67 -3.10 -2.18
C PRO C 273 -3.10 -3.51 -0.83
N PHE C 274 -3.58 -4.65 -0.33
CA PHE C 274 -3.12 -5.23 0.93
C PHE C 274 -1.96 -6.17 0.58
N LYS C 275 -1.16 -6.57 1.56
CA LYS C 275 -0.04 -7.46 1.24
C LYS C 275 -0.54 -8.71 0.51
N GLY C 276 0.07 -9.00 -0.63
CA GLY C 276 -0.33 -10.15 -1.41
C GLY C 276 -0.88 -9.72 -2.76
N ASP C 277 -1.52 -8.56 -2.81
CA ASP C 277 -2.10 -8.01 -4.03
C ASP C 277 -3.43 -8.62 -4.47
N ASP C 278 -3.79 -9.76 -3.91
CA ASP C 278 -5.05 -10.40 -4.29
C ASP C 278 -6.29 -9.71 -3.72
N ILE C 279 -6.12 -9.08 -2.56
CA ILE C 279 -7.22 -8.36 -1.92
C ILE C 279 -6.85 -6.89 -1.85
N THR C 280 -7.73 -6.03 -2.33
CA THR C 280 -7.44 -4.60 -2.30
C THR C 280 -8.63 -3.76 -1.83
N MET C 281 -8.37 -2.50 -1.53
CA MET C 281 -9.39 -1.57 -1.11
C MET C 281 -9.52 -0.55 -2.22
N VAL C 282 -10.76 -0.22 -2.58
CA VAL C 282 -11.00 0.75 -3.63
C VAL C 282 -11.77 1.95 -3.09
N LEU C 283 -11.24 3.16 -3.30
CA LEU C 283 -11.90 4.35 -2.83
C LEU C 283 -12.49 5.17 -3.98
N ILE C 284 -13.75 5.59 -3.82
CA ILE C 284 -14.40 6.42 -4.83
C ILE C 284 -14.67 7.78 -4.17
N LEU C 285 -14.01 8.80 -4.68
CA LEU C 285 -14.10 10.16 -4.15
C LEU C 285 -14.69 11.12 -5.19
N PRO C 286 -15.92 11.57 -5.00
CA PRO C 286 -16.53 12.49 -5.96
C PRO C 286 -16.02 13.92 -5.75
N LYS C 287 -16.15 14.79 -6.75
CA LYS C 287 -15.71 16.19 -6.63
C LYS C 287 -16.44 16.87 -5.49
N PRO C 288 -15.84 17.92 -4.91
CA PRO C 288 -16.48 18.64 -3.81
C PRO C 288 -17.92 19.03 -4.11
N GLU C 289 -18.23 19.19 -5.40
CA GLU C 289 -19.59 19.58 -5.80
C GLU C 289 -20.58 18.43 -5.81
N LYS C 290 -20.22 17.34 -6.48
CA LYS C 290 -21.13 16.20 -6.57
C LYS C 290 -21.26 15.44 -5.24
N SER C 291 -22.50 15.23 -4.80
CA SER C 291 -22.74 14.51 -3.54
C SER C 291 -22.47 13.02 -3.67
N LEU C 292 -22.14 12.40 -2.55
CA LEU C 292 -21.87 10.97 -2.52
C LEU C 292 -23.16 10.25 -2.88
N ALA C 293 -24.27 10.73 -2.31
CA ALA C 293 -25.59 10.15 -2.57
C ALA C 293 -25.86 10.01 -4.06
N LYS C 294 -25.38 10.97 -4.86
CA LYS C 294 -25.58 10.94 -6.31
C LYS C 294 -24.79 9.80 -6.94
N VAL C 295 -23.56 9.62 -6.48
CA VAL C 295 -22.74 8.53 -6.99
C VAL C 295 -23.32 7.20 -6.51
N GLU C 296 -23.84 7.16 -5.29
CA GLU C 296 -24.43 5.93 -4.76
C GLU C 296 -25.59 5.45 -5.62
N LYS C 297 -26.35 6.38 -6.20
CA LYS C 297 -27.49 6.03 -7.04
C LYS C 297 -27.11 5.72 -8.47
N GLU C 298 -26.19 6.50 -9.02
CA GLU C 298 -25.77 6.34 -10.41
C GLU C 298 -24.73 5.26 -10.71
N LEU C 299 -24.27 4.54 -9.70
CA LEU C 299 -23.24 3.53 -9.92
C LEU C 299 -23.77 2.09 -9.95
N THR C 300 -23.28 1.31 -10.92
CA THR C 300 -23.69 -0.09 -11.10
C THR C 300 -22.45 -0.98 -11.21
N PRO C 301 -22.62 -2.31 -11.13
CA PRO C 301 -21.46 -3.19 -11.23
C PRO C 301 -20.73 -2.99 -12.55
N GLU C 302 -21.51 -2.74 -13.60
CA GLU C 302 -20.96 -2.54 -14.95
C GLU C 302 -20.00 -1.36 -15.02
N VAL C 303 -20.41 -0.22 -14.49
CA VAL C 303 -19.56 0.96 -14.50
C VAL C 303 -18.37 0.79 -13.57
N LEU C 304 -18.57 0.17 -12.42
CA LEU C 304 -17.47 -0.01 -11.50
C LEU C 304 -16.38 -0.87 -12.14
N GLN C 305 -16.78 -1.98 -12.75
CA GLN C 305 -15.82 -2.87 -13.39
C GLN C 305 -15.09 -2.14 -14.50
N GLU C 306 -15.80 -1.22 -15.15
CA GLU C 306 -15.26 -0.44 -16.23
C GLU C 306 -14.18 0.51 -15.71
N TRP C 307 -14.45 1.12 -14.55
CA TRP C 307 -13.49 2.04 -13.95
C TRP C 307 -12.27 1.25 -13.51
N LEU C 308 -12.50 0.11 -12.86
CA LEU C 308 -11.43 -0.72 -12.38
C LEU C 308 -10.55 -1.23 -13.51
N ASP C 309 -11.14 -1.45 -14.68
CA ASP C 309 -10.38 -1.93 -15.83
C ASP C 309 -9.46 -0.84 -16.37
N GLU C 310 -9.94 0.40 -16.33
CA GLU C 310 -9.20 1.54 -16.87
C GLU C 310 -8.13 2.18 -15.97
N LEU C 311 -7.97 1.73 -14.74
CA LEU C 311 -6.98 2.31 -13.83
C LEU C 311 -5.54 2.21 -14.33
N GLU C 312 -4.76 3.26 -14.14
CA GLU C 312 -3.35 3.29 -14.55
C GLU C 312 -2.48 3.38 -13.31
N GLU C 313 -1.32 2.74 -13.35
CA GLU C 313 -0.39 2.77 -12.24
C GLU C 313 0.46 4.03 -12.35
N MET C 314 0.64 4.74 -11.25
CA MET C 314 1.46 5.95 -11.24
C MET C 314 1.84 6.36 -9.83
N MET C 315 2.83 7.26 -9.75
CA MET C 315 3.30 7.81 -8.49
C MET C 315 2.29 8.88 -8.10
N LEU C 316 1.81 8.85 -6.86
CA LEU C 316 0.86 9.86 -6.41
C LEU C 316 0.90 9.97 -4.90
N CYS C 317 0.25 10.99 -4.36
CA CYS C 317 0.17 11.13 -2.91
C CYS C 317 -1.24 10.83 -2.46
N VAL C 318 -1.34 10.20 -1.30
CA VAL C 318 -2.62 9.81 -0.75
C VAL C 318 -2.84 10.45 0.60
N HIS C 319 -3.94 11.17 0.76
CA HIS C 319 -4.31 11.77 2.05
C HIS C 319 -5.57 11.01 2.41
N MET C 320 -5.51 10.22 3.47
CA MET C 320 -6.64 9.41 3.85
C MET C 320 -6.84 9.41 5.34
N PRO C 321 -8.10 9.54 5.80
CA PRO C 321 -8.33 9.54 7.24
C PRO C 321 -8.29 8.13 7.78
N ARG C 322 -7.78 7.96 8.99
CA ARG C 322 -7.79 6.63 9.58
C ARG C 322 -9.18 6.58 10.21
N PHE C 323 -9.86 5.46 10.08
CA PHE C 323 -11.20 5.37 10.62
C PHE C 323 -11.61 3.99 11.08
N ARG C 324 -12.76 3.94 11.75
CA ARG C 324 -13.31 2.70 12.26
C ARG C 324 -14.80 2.69 11.95
N ILE C 325 -15.30 1.56 11.44
CA ILE C 325 -16.71 1.42 11.14
C ILE C 325 -17.22 0.10 11.69
N GLU C 326 -18.15 0.17 12.64
CA GLU C 326 -18.75 -1.03 13.22
C GLU C 326 -20.24 -0.86 13.00
N ASP C 327 -20.74 -1.46 11.93
CA ASP C 327 -22.13 -1.35 11.59
C ASP C 327 -22.85 -2.68 11.68
N GLY C 328 -23.86 -2.71 12.53
CA GLY C 328 -24.63 -3.92 12.74
C GLY C 328 -26.10 -3.59 12.58
N PHE C 329 -26.88 -4.52 12.05
CA PHE C 329 -28.29 -4.24 11.85
C PHE C 329 -29.11 -5.47 11.50
N SER C 330 -30.42 -5.33 11.64
CA SER C 330 -31.35 -6.39 11.32
C SER C 330 -31.52 -6.36 9.81
N LEU C 331 -31.49 -7.51 9.16
CA LEU C 331 -31.63 -7.57 7.71
C LEU C 331 -33.08 -7.68 7.28
N LYS C 332 -33.93 -8.09 8.21
CA LYS C 332 -35.34 -8.32 7.94
C LYS C 332 -36.11 -7.29 7.12
N GLU C 333 -36.17 -6.05 7.59
CA GLU C 333 -36.92 -5.01 6.90
C GLU C 333 -36.46 -4.76 5.47
N GLN C 334 -35.15 -4.64 5.28
CA GLN C 334 -34.60 -4.42 3.95
C GLN C 334 -35.04 -5.54 3.03
N LEU C 335 -34.71 -6.76 3.41
CA LEU C 335 -35.03 -7.93 2.60
C LEU C 335 -36.53 -8.06 2.27
N GLN C 336 -37.40 -7.80 3.23
CA GLN C 336 -38.83 -7.86 2.93
C GLN C 336 -39.13 -6.83 1.86
N ASP C 337 -38.56 -5.63 2.03
CA ASP C 337 -38.74 -4.53 1.09
C ASP C 337 -38.25 -4.90 -0.31
N MET C 338 -37.29 -5.82 -0.38
CA MET C 338 -36.76 -6.27 -1.65
C MET C 338 -37.57 -7.46 -2.17
N GLY C 339 -38.59 -7.88 -1.41
CA GLY C 339 -39.40 -9.00 -1.85
C GLY C 339 -39.30 -10.29 -1.06
N LEU C 340 -38.34 -10.43 -0.14
CA LEU C 340 -38.25 -11.65 0.65
C LEU C 340 -39.29 -11.54 1.74
N VAL C 341 -40.48 -12.08 1.48
CA VAL C 341 -41.60 -11.98 2.42
C VAL C 341 -42.00 -13.23 3.19
N ASP C 342 -42.31 -14.29 2.45
CA ASP C 342 -42.74 -15.54 3.06
C ASP C 342 -41.79 -16.13 4.09
N LEU C 343 -40.48 -15.92 3.92
CA LEU C 343 -39.51 -16.48 4.85
C LEU C 343 -39.72 -16.00 6.28
N PHE C 344 -40.09 -14.73 6.43
CA PHE C 344 -40.27 -14.14 7.76
C PHE C 344 -41.69 -14.24 8.32
N SER C 345 -42.59 -14.83 7.55
CA SER C 345 -44.00 -14.98 7.94
C SER C 345 -44.32 -16.33 8.56
N PRO C 346 -44.86 -16.33 9.79
CA PRO C 346 -45.24 -17.57 10.49
C PRO C 346 -46.28 -18.39 9.73
N GLU C 347 -47.24 -17.69 9.13
CA GLU C 347 -48.30 -18.31 8.36
C GLU C 347 -47.86 -18.88 7.01
N LYS C 348 -47.07 -18.12 6.25
CA LYS C 348 -46.64 -18.55 4.91
C LYS C 348 -45.27 -19.22 4.75
N SER C 349 -44.37 -19.08 5.71
CA SER C 349 -43.04 -19.65 5.55
C SER C 349 -42.97 -21.16 5.31
N LYS C 350 -42.07 -21.57 4.41
CA LYS C 350 -41.88 -22.99 4.07
C LYS C 350 -40.41 -23.41 4.16
N LEU C 351 -40.03 -24.01 5.28
CA LEU C 351 -38.65 -24.47 5.48
C LEU C 351 -38.70 -25.89 6.03
N PRO C 352 -39.30 -26.82 5.27
CA PRO C 352 -39.43 -28.23 5.68
C PRO C 352 -38.09 -28.93 5.91
N GLY C 353 -37.17 -28.68 4.99
CA GLY C 353 -35.86 -29.31 5.06
C GLY C 353 -35.05 -29.08 6.32
N ILE C 354 -35.33 -28.00 7.03
CA ILE C 354 -34.61 -27.70 8.25
C ILE C 354 -35.10 -28.56 9.41
N VAL C 355 -36.41 -28.77 9.47
CA VAL C 355 -36.96 -29.58 10.55
C VAL C 355 -37.16 -31.04 10.16
N ALA C 356 -37.14 -31.88 11.18
CA ALA C 356 -37.35 -33.32 11.01
C ALA C 356 -38.81 -33.50 10.63
N GLU C 357 -39.24 -34.75 10.49
CA GLU C 357 -40.63 -34.99 10.14
C GLU C 357 -41.52 -34.89 11.37
N GLY C 358 -42.66 -34.24 11.21
CA GLY C 358 -43.60 -34.06 12.30
C GLY C 358 -44.68 -33.13 11.83
N ARG C 359 -44.30 -31.86 11.69
CA ARG C 359 -45.15 -30.76 11.23
C ARG C 359 -44.55 -29.48 11.77
N ASP C 360 -44.06 -28.65 10.86
CA ASP C 360 -43.39 -27.41 11.23
C ASP C 360 -44.11 -26.11 10.92
N ASP C 361 -44.03 -25.19 11.88
CA ASP C 361 -44.60 -23.86 11.75
C ASP C 361 -43.35 -23.00 11.87
N LEU C 362 -42.26 -23.48 11.28
CA LEU C 362 -40.96 -22.82 11.31
C LEU C 362 -40.81 -21.68 10.31
N TYR C 363 -40.16 -20.61 10.76
CA TYR C 363 -39.93 -19.43 9.94
C TYR C 363 -38.79 -18.64 10.56
N VAL C 364 -38.19 -17.71 9.82
CA VAL C 364 -37.10 -16.92 10.36
C VAL C 364 -37.65 -15.74 11.18
N SER C 365 -37.21 -15.62 12.43
CA SER C 365 -37.65 -14.54 13.31
C SER C 365 -36.90 -13.25 12.97
N ASP C 366 -35.59 -13.36 12.84
CA ASP C 366 -34.75 -12.24 12.47
C ASP C 366 -33.42 -12.70 11.88
N ALA C 367 -32.71 -11.79 11.25
CA ALA C 367 -31.42 -12.09 10.67
C ALA C 367 -30.57 -10.88 11.01
N PHE C 368 -29.42 -11.12 11.62
CA PHE C 368 -28.56 -10.01 12.02
C PHE C 368 -27.20 -10.05 11.36
N HIS C 369 -26.72 -8.88 11.00
CA HIS C 369 -25.42 -8.76 10.36
C HIS C 369 -24.64 -7.70 11.11
N LYS C 370 -23.34 -7.87 11.16
CA LYS C 370 -22.48 -6.89 11.77
C LYS C 370 -21.10 -7.10 11.16
N ALA C 371 -20.52 -6.02 10.67
CA ALA C 371 -19.22 -6.10 10.04
C ALA C 371 -18.42 -4.98 10.65
N PHE C 372 -17.13 -5.24 10.82
CA PHE C 372 -16.24 -4.26 11.43
C PHE C 372 -15.00 -4.01 10.59
N LEU C 373 -14.75 -2.74 10.28
CA LEU C 373 -13.56 -2.40 9.51
C LEU C 373 -12.73 -1.40 10.30
N GLU C 374 -11.43 -1.69 10.41
CA GLU C 374 -10.50 -0.82 11.11
C GLU C 374 -9.42 -0.41 10.13
N VAL C 375 -9.22 0.89 9.97
CA VAL C 375 -8.18 1.33 9.05
C VAL C 375 -7.25 2.32 9.72
N ASN C 376 -5.96 2.00 9.72
CA ASN C 376 -4.96 2.90 10.28
C ASN C 376 -3.69 2.80 9.45
N GLU C 377 -2.59 3.33 9.95
CA GLU C 377 -1.33 3.33 9.21
C GLU C 377 -0.75 1.99 8.80
N GLU C 378 -0.73 1.04 9.73
CA GLU C 378 -0.24 -0.32 9.42
C GLU C 378 -1.23 -1.05 8.53
N GLY C 379 -2.51 -0.70 8.56
CA GLY C 379 -3.48 -1.42 7.73
C GLY C 379 -4.93 -1.59 8.19
N THR C 386 7.01 -5.10 13.53
CA THR C 386 7.68 -5.40 12.26
C THR C 386 8.20 -4.10 11.61
N ALA C 387 9.51 -4.10 11.32
CA ALA C 387 10.23 -2.97 10.71
C ALA C 387 9.45 -1.90 9.97
N VAL C 388 9.91 -0.66 10.09
CA VAL C 388 9.31 0.47 9.40
C VAL C 388 10.14 0.60 8.11
N VAL C 389 9.47 0.79 6.99
CA VAL C 389 10.15 0.89 5.71
C VAL C 389 10.34 2.33 5.23
N ILE C 390 11.41 2.54 4.48
CA ILE C 390 11.72 3.86 3.93
C ILE C 390 12.00 3.63 2.45
N ALA C 391 11.83 4.66 1.62
CA ALA C 391 12.02 4.47 0.19
C ALA C 391 13.14 5.20 -0.56
N GLY C 392 13.82 6.16 0.06
CA GLY C 392 14.91 6.80 -0.67
C GLY C 392 14.63 8.21 -1.16
N ARG C 393 15.64 8.85 -1.74
CA ARG C 393 15.50 10.21 -2.22
C ARG C 393 15.62 10.42 -3.72
N SER C 394 15.21 9.41 -4.51
CA SER C 394 15.26 9.55 -5.96
C SER C 394 14.08 10.40 -6.45
N LEU C 395 14.17 10.91 -7.67
CA LEU C 395 13.09 11.74 -8.20
C LEU C 395 11.94 10.91 -8.75
N ASN C 396 10.82 10.91 -8.03
CA ASN C 396 9.61 10.18 -8.38
C ASN C 396 8.46 11.12 -7.99
N PRO C 397 8.23 12.16 -8.78
CA PRO C 397 7.18 13.12 -8.46
C PRO C 397 5.76 12.56 -8.41
N ASN C 398 4.94 13.12 -7.55
CA ASN C 398 3.55 12.73 -7.43
C ASN C 398 2.84 13.30 -8.65
N ARG C 399 2.32 12.43 -9.48
CA ARG C 399 1.63 12.86 -10.67
C ARG C 399 0.30 13.53 -10.32
N VAL C 400 -0.34 12.95 -9.33
CA VAL C 400 -1.66 13.35 -8.88
C VAL C 400 -1.66 13.25 -7.37
N CYS C 401 -2.76 13.65 -6.73
CA CYS C 401 -2.88 13.56 -5.28
C CYS C 401 -4.33 13.29 -4.97
N PHE C 402 -4.55 12.29 -4.13
CA PHE C 402 -5.88 11.84 -3.73
C PHE C 402 -6.07 12.29 -2.31
N LYS C 403 -6.94 13.28 -2.10
CA LYS C 403 -7.18 13.78 -0.73
C LYS C 403 -8.59 13.48 -0.31
N ALA C 404 -8.77 12.44 0.50
CA ALA C 404 -10.12 12.11 0.94
C ALA C 404 -10.50 12.91 2.19
N ASN C 405 -10.81 14.20 1.99
CA ASN C 405 -11.23 15.06 3.09
C ASN C 405 -12.74 15.25 3.10
N ARG C 406 -13.44 14.39 2.36
CA ARG C 406 -14.90 14.44 2.29
C ARG C 406 -15.41 13.03 2.09
N PRO C 407 -16.72 12.80 2.27
CA PRO C 407 -17.29 11.46 2.10
C PRO C 407 -16.82 10.69 0.85
N PHE C 408 -16.46 9.42 1.05
CA PHE C 408 -16.04 8.59 -0.07
C PHE C 408 -16.57 7.18 0.15
N LEU C 409 -16.64 6.40 -0.94
CA LEU C 409 -17.12 5.01 -0.86
C LEU C 409 -15.92 4.07 -0.69
N VAL C 410 -16.17 2.92 -0.09
CA VAL C 410 -15.12 1.94 0.12
C VAL C 410 -15.60 0.56 -0.35
N PHE C 411 -14.70 -0.16 -1.00
CA PHE C 411 -14.98 -1.50 -1.48
C PHE C 411 -13.75 -2.32 -1.13
N ILE C 412 -13.96 -3.59 -0.80
CA ILE C 412 -12.86 -4.48 -0.52
C ILE C 412 -13.15 -5.63 -1.46
N ARG C 413 -12.21 -5.97 -2.32
CA ARG C 413 -12.48 -7.01 -3.27
C ARG C 413 -11.32 -7.94 -3.53
N GLU C 414 -11.64 -9.08 -4.14
CA GLU C 414 -10.66 -10.08 -4.51
C GLU C 414 -10.42 -9.73 -5.98
N VAL C 415 -9.19 -9.35 -6.30
CA VAL C 415 -8.79 -8.92 -7.64
C VAL C 415 -9.14 -9.79 -8.86
N PRO C 416 -8.60 -11.02 -8.92
CA PRO C 416 -8.89 -11.88 -10.07
C PRO C 416 -10.38 -12.09 -10.34
N LEU C 417 -11.11 -12.43 -9.28
CA LEU C 417 -12.52 -12.73 -9.38
C LEU C 417 -13.45 -11.50 -9.30
N ASN C 418 -12.90 -10.37 -8.84
CA ASN C 418 -13.66 -9.14 -8.69
C ASN C 418 -14.80 -9.27 -7.69
N THR C 419 -14.68 -10.23 -6.79
CA THR C 419 -15.69 -10.47 -5.77
C THR C 419 -15.75 -9.34 -4.75
N ILE C 420 -16.91 -8.71 -4.64
CA ILE C 420 -17.08 -7.66 -3.65
C ILE C 420 -17.21 -8.38 -2.34
N ILE C 421 -16.22 -8.21 -1.47
CA ILE C 421 -16.25 -8.87 -0.17
C ILE C 421 -16.93 -7.93 0.81
N PHE C 422 -16.51 -6.66 0.81
CA PHE C 422 -17.07 -5.62 1.70
C PHE C 422 -17.39 -4.35 0.90
N MET C 423 -18.37 -3.59 1.37
CA MET C 423 -18.70 -2.36 0.72
C MET C 423 -19.19 -1.40 1.78
N GLY C 424 -18.95 -0.12 1.57
CA GLY C 424 -19.38 0.84 2.55
C GLY C 424 -19.17 2.29 2.13
N ARG C 425 -19.31 3.18 3.09
CA ARG C 425 -19.20 4.60 2.86
C ARG C 425 -18.63 5.25 4.10
N VAL C 426 -17.63 6.10 3.91
CA VAL C 426 -17.05 6.82 5.03
C VAL C 426 -17.63 8.22 4.92
N ALA C 427 -18.69 8.46 5.69
CA ALA C 427 -19.38 9.75 5.70
C ALA C 427 -18.94 10.61 6.87
N ASN C 428 -18.29 10.00 7.85
CA ASN C 428 -17.85 10.70 9.05
C ASN C 428 -16.79 9.84 9.75
N PRO C 429 -15.51 10.23 9.64
CA PRO C 429 -14.43 9.46 10.28
C PRO C 429 -14.04 9.97 11.66
N CYS C 430 -14.20 11.28 11.86
CA CYS C 430 -13.85 11.95 13.11
C CYS C 430 -14.67 11.46 14.30
N VAL C 431 -14.50 12.12 15.44
CA VAL C 431 -15.22 11.74 16.65
C VAL C 431 -16.63 12.32 16.67
C1 NAG D . 14.67 -6.90 -11.98
C2 NAG D . 15.44 -8.16 -11.57
C3 NAG D . 16.65 -8.29 -12.47
C4 NAG D . 16.14 -8.45 -13.88
C5 NAG D . 15.36 -7.19 -14.30
C6 NAG D . 14.71 -7.38 -15.67
C7 NAG D . 14.90 -8.07 -9.24
C8 NAG D . 15.33 -7.65 -7.85
N2 NAG D . 15.83 -8.11 -10.18
O3 NAG D . 17.41 -9.42 -12.06
O4 NAG D . 17.22 -8.73 -14.80
O5 NAG D . 14.28 -6.94 -13.37
O6 NAG D . 14.07 -8.68 -15.72
O7 NAG D . 13.72 -8.37 -9.46
C1 NAG D . 17.37 -10.06 -15.20
C2 NAG D . 18.80 -10.29 -15.74
C3 NAG D . 19.06 -11.80 -15.97
C4 NAG D . 18.65 -12.65 -14.77
C5 NAG D . 17.22 -12.30 -14.35
C6 NAG D . 16.77 -13.06 -13.11
C7 NAG D . 19.20 -10.20 -18.13
C8 NAG D . 20.60 -10.07 -18.73
N2 NAG D . 18.98 -9.57 -16.98
O3 NAG D . 20.44 -12.00 -16.25
O4 NAG D . 18.74 -14.02 -15.11
O5 NAG D . 17.12 -10.90 -14.05
O6 NAG D . 16.77 -12.21 -11.97
O7 NAG D . 18.35 -10.88 -18.70
C1 FUC D . 13.37 -9.01 -16.90
C2 FUC D . 14.26 -8.84 -18.14
C3 FUC D . 15.51 -9.71 -17.97
C4 FUC D . 15.13 -11.18 -17.68
C5 FUC D . 14.02 -11.31 -16.61
C6 FUC D . 13.41 -12.69 -16.56
O2 FUC D . 14.63 -7.48 -18.31
O3 FUC D . 16.30 -9.64 -19.15
O4 FUC D . 14.71 -11.83 -18.88
O5 FUC D . 12.94 -10.37 -16.85
O4 GU3 E . -23.25 -32.03 -15.94
O50 GU3 E . -26.60 -33.60 -11.45
S6 GU3 E . -25.19 -33.21 -11.77
O51 GU3 E . -24.61 -32.46 -10.62
O52 GU3 E . -24.38 -34.45 -12.02
O6 GU3 E . -25.18 -32.37 -12.93
C6 GU3 E . -25.47 -32.91 -14.23
C5 GU3 E . -25.57 -31.79 -15.28
O5 GU3 E . -26.57 -30.86 -14.84
C1 GU3 E . -26.77 -29.77 -15.74
O1 GU3 E . -27.24 -30.24 -17.02
C8 GU3 E . -28.58 -30.73 -16.90
C2 GU3 E . -25.46 -29.00 -15.94
O2 GU3 E . -25.67 -27.95 -16.89
S2 GU3 E . -25.84 -26.68 -16.22
O54 GU3 E . -24.53 -26.26 -15.62
O55 GU3 E . -26.88 -26.82 -15.15
O53 GU3 E . -26.28 -25.65 -17.21
C3 GU3 E . -24.37 -29.95 -16.45
O3 GU3 E . -23.15 -29.21 -16.55
C7 GU3 E . -22.26 -29.81 -17.49
C4 GU3 E . -24.23 -31.10 -15.45
C1 GU2 E . -22.31 -32.37 -14.91
C2 GU2 E . -21.43 -33.54 -15.39
O2 GU2 E . -22.12 -34.79 -15.26
C7 GU2 E . -23.04 -34.98 -16.33
C3 GU2 E . -20.16 -33.57 -14.55
O3 GU2 E . -19.35 -34.71 -14.89
C8 GU2 E . -18.88 -34.71 -16.25
O5 GU2 E . -21.53 -31.22 -14.54
C5 GU2 E . -20.27 -31.17 -15.23
C6 GU2 E . -19.63 -29.80 -15.02
O49 GU2 E . -19.81 -29.18 -13.96
O6 GU2 E . -18.92 -29.31 -15.89
C4 GU2 E . -19.37 -32.27 -14.69
O4 GU2 E . -18.87 -31.87 -13.41
C1 GU6 E . -17.72 -32.60 -12.97
C2 GU6 E . -17.28 -31.99 -11.64
O2 GU6 E . -18.33 -32.10 -10.66
S2 GU6 E . -18.60 -33.44 -10.24
C3 GU6 E . -16.94 -30.52 -11.87
O3 GU6 E . -16.50 -29.91 -10.65
S3 GU6 E . -17.39 -28.88 -10.21
C4 GU6 E . -15.83 -30.40 -12.92
O4 GU6 E . -15.62 -29.01 -13.23
C5 GU6 E . -16.27 -31.13 -14.19
O5 GU6 E . -16.64 -32.48 -13.92
C6 GU6 E . -15.13 -31.10 -15.21
O6 GU6 E . -13.96 -31.78 -14.73
S6 GU6 E . -12.73 -31.76 -15.46
O13 GU6 E . -17.35 -34.26 -10.28
O14 GU6 E . -19.63 -34.04 -11.16
O15 GU6 E . -19.13 -33.44 -8.84
O16 GU6 E . -17.46 -27.77 -11.21
O17 GU6 E . -18.77 -29.44 -9.99
O18 GU6 E . -16.87 -28.33 -8.91
O19 GU6 E . -11.66 -32.40 -14.63
O20 GU6 E . -12.35 -30.35 -15.79
O21 GU6 E . -12.89 -32.53 -16.74
C1 GU1 E . -14.23 -28.64 -13.19
C2 GU1 E . -14.06 -27.41 -14.08
O2 GU1 E . -14.39 -27.81 -15.43
C7 GU1 E . -15.21 -26.81 -16.05
C3 GU1 E . -12.62 -26.92 -13.98
O3 GU1 E . -12.38 -25.82 -14.88
C8 GU1 E . -13.26 -24.71 -14.71
O5 GU1 E . -13.83 -28.35 -11.84
C5 GU1 E . -12.47 -27.88 -11.72
C6 GU1 E . -12.15 -27.61 -10.26
O6B GU1 E . -11.01 -27.77 -9.84
O6A GU1 E . -13.04 -27.23 -9.49
C4 GU1 E . -12.28 -26.60 -12.54
O4 GU1 E . -10.93 -26.12 -12.39
C1 GU5 E . -10.91 -24.68 -12.29
C2 GU5 E . -9.52 -24.13 -12.59
O2 GU5 E . -9.05 -24.56 -13.87
C7 GU5 E . -9.63 -23.76 -14.91
C3 GU5 E . -8.54 -24.56 -11.50
O3 GU5 E . -7.26 -23.94 -11.70
C8 GU5 E . -6.48 -24.65 -12.65
O5 GU5 E . -11.33 -24.24 -11.00
C5 GU5 E . -10.48 -24.67 -9.92
C6 GU5 E . -11.05 -24.17 -8.60
O6 GU5 E . -11.20 -22.74 -8.62
S6 GU5 E . -11.90 -22.05 -7.58
O32 GU5 E . -13.29 -22.57 -7.47
O33 GU5 E . -11.92 -20.60 -7.90
O31 GU5 E . -11.19 -22.27 -6.27
C4 GU5 E . -9.06 -24.13 -10.12
O4 GU5 E . -8.25 -24.70 -9.08
C9 GU8 E . -2.68 -26.13 -10.89
O6 GU8 E . -3.41 -25.59 -9.80
C6 GU8 E . -3.62 -24.19 -10.01
C5 GU8 E . -4.75 -23.70 -9.10
O5 GU8 E . -5.95 -24.41 -9.44
C1 GU8 E . -7.08 -24.00 -8.66
C2 GU8 E . -6.79 -24.31 -7.19
O2 GU8 E . -7.90 -23.93 -6.38
C7 GU8 E . -8.81 -25.03 -6.23
C3 GU8 E . -5.57 -23.50 -6.79
O3 GU8 E . -5.28 -23.56 -5.37
C8 GU8 E . -5.67 -24.77 -4.73
C4 GU8 E . -4.37 -23.87 -7.64
O4 GU8 E . -3.25 -23.00 -7.37
C4 GU9 E . 0.16 -23.48 -7.46
C5 GU9 E . -0.91 -24.55 -7.62
O5 GU9 E . -1.78 -24.62 -6.48
C6 GU9 E . -0.27 -25.91 -7.87
O6 GU9 E . 0.58 -26.26 -6.76
C9 GU9 E . 1.19 -27.53 -7.03
C3 GU9 E . -0.51 -22.16 -7.13
O3 GU9 E . 0.43 -21.07 -6.96
C8 GU9 E . 1.34 -21.27 -5.88
C2 GU9 E . -1.42 -22.32 -5.93
O2 GU9 E . -2.02 -21.07 -5.53
C7 GU9 E . -2.78 -20.42 -6.56
C1 GU9 E . -2.47 -23.38 -6.24
O4 GU9 E . 0.92 -23.38 -8.67
C9 GU8 E . 4.52 -18.66 -7.90
O6 GU8 E . 4.35 -19.98 -8.43
C6 GU8 E . 4.78 -20.95 -7.46
C5 GU8 E . 4.31 -22.33 -7.87
O5 GU8 E . 2.91 -22.26 -8.14
C1 GU8 E . 2.33 -23.53 -8.46
C2 GU8 E . 2.97 -24.08 -9.72
O2 GU8 E . 2.45 -25.39 -10.00
C7 GU8 E . 1.24 -25.30 -10.76
C3 GU8 E . 4.47 -24.20 -9.47
O3 GU8 E . 5.13 -24.83 -10.59
C8 GU8 E . 4.95 -24.15 -11.83
C4 GU8 E . 5.07 -22.85 -9.09
O4 GU8 E . 6.46 -22.99 -8.77
C4 GU9 E . 9.22 -20.96 -9.07
C5 GU9 E . 7.81 -20.64 -9.56
O5 GU9 E . 7.33 -21.63 -10.50
C6 GU9 E . 7.77 -19.27 -10.21
O6 GU9 E . 8.60 -19.26 -11.38
C9 GU9 E . 8.60 -17.96 -11.97
C3 GU9 E . 9.28 -22.39 -8.57
O3 GU9 E . 10.60 -22.79 -8.14
C8 GU9 E . 11.57 -22.77 -9.19
C2 GU9 E . 8.74 -23.36 -9.60
O2 GU9 E . 8.78 -24.69 -9.06
C7 GU9 E . 8.86 -25.67 -10.12
C1 GU9 E . 7.31 -22.95 -9.94
O4 GU9 E . 9.57 -20.03 -8.04
C9 GU8 E . 14.34 -22.53 -5.93
O6 GU8 E . 14.02 -21.15 -6.15
C6 GU8 E . 14.22 -20.84 -7.53
C5 GU8 E . 13.20 -19.80 -7.99
O5 GU8 E . 11.88 -20.33 -7.76
C1 GU8 E . 10.86 -19.46 -8.27
C2 GU8 E . 10.93 -18.11 -7.56
O2 GU8 E . 9.96 -17.22 -8.14
C7 GU8 E . 8.68 -17.38 -7.51
C3 GU8 E . 12.31 -17.52 -7.78
O3 GU8 E . 12.49 -16.20 -7.24
C8 GU8 E . 11.52 -15.80 -6.27
C4 GU8 E . 13.38 -18.48 -7.26
O4 GU8 E . 14.70 -17.99 -7.57
C4 GU9 E . 17.72 -17.75 -6.11
C5 GU9 E . 16.47 -18.24 -5.38
O5 GU9 E . 15.43 -17.25 -5.43
C6 GU9 E . 16.88 -18.47 -3.94
O6 GU9 E . 15.76 -18.85 -3.13
C9 GU9 E . 16.19 -18.96 -1.77
C3 GU9 E . 17.40 -17.25 -7.52
O3 GU9 E . 18.57 -16.73 -8.18
C8 GU9 E . 19.16 -15.62 -7.50
C2 GU9 E . 16.29 -16.21 -7.44
O2 GU9 E . 15.96 -15.64 -8.73
C7 GU9 E . 15.60 -16.61 -9.72
C1 GU9 E . 15.08 -16.85 -6.77
O4 GU9 E . 18.54 -18.86 -6.37
C9 GU8 E . 23.73 -15.84 -6.86
O6 GU8 E . 23.21 -17.02 -6.27
C6 GU8 E . 22.54 -16.71 -5.03
C5 GU8 E . 21.56 -17.82 -4.67
O5 GU8 E . 20.62 -17.96 -5.74
C1 GU8 E . 19.60 -18.92 -5.42
C2 GU8 E . 20.22 -20.31 -5.36
O2 GU8 E . 19.22 -21.31 -5.08
C7 GU8 E . 18.53 -21.70 -6.27
C3 GU8 E . 21.25 -20.25 -4.24
O3 GU8 E . 21.88 -21.54 -4.07
C8 GU8 E . 22.61 -21.97 -5.22
C4 GU8 E . 22.27 -19.14 -4.42
O4 GU8 E . 23.02 -19.04 -3.20
C1 GU5 E . 24.26 -19.76 -3.26
C2 GU5 E . 24.88 -19.84 -1.87
O2 GU5 E . 24.21 -20.72 -0.95
C7 GU5 E . 22.87 -20.34 -0.64
C3 GU5 E . 25.03 -18.42 -1.36
O3 GU5 E . 25.50 -18.38 0.00
C8 GU5 E . 26.75 -19.05 0.20
O5 GU5 E . 25.19 -19.09 -4.12
C5 GU5 E . 25.44 -17.73 -3.73
C6 GU5 E . 26.53 -17.18 -4.65
O6 GU5 E . 27.70 -17.99 -4.53
S6 GU5 E . 28.90 -17.66 -5.25
O32 GU5 E . 29.89 -18.76 -5.07
O33 GU5 E . 29.47 -16.38 -4.72
O31 GU5 E . 28.58 -17.51 -6.71
C4 GU5 E . 25.94 -17.62 -2.30
O4 GU5 E . 25.95 -16.22 -1.94
C1 GU0 E . 27.27 -15.71 -1.71
C2 GU0 E . 27.28 -14.20 -2.00
O2 GU0 E . 27.08 -14.02 -3.40
S2 GU0 E . 25.89 -13.30 -3.74
O23 GU0 E . 25.64 -12.19 -2.74
O24 GU0 E . 24.72 -14.23 -3.75
O22 GU0 E . 26.07 -12.69 -5.10
C3 GU0 E . 28.60 -13.56 -1.58
O3 GU0 E . 28.49 -12.13 -1.69
S3 GU0 E . 29.32 -11.53 -2.69
O26 GU0 E . 28.71 -11.74 -4.04
O27 GU0 E . 30.70 -12.10 -2.67
O25 GU0 E . 29.41 -10.04 -2.43
O5 GU0 E . 27.62 -15.97 -0.33
C5 GU0 E . 28.90 -15.45 0.04
C6 GU0 E . 29.17 -15.87 1.48
O6 GU0 E . 28.12 -15.40 2.35
S6 GU0 E . 27.78 -16.08 3.55
O29 GU0 E . 26.96 -15.17 4.41
O30 GU0 E . 29.02 -16.45 4.30
O28 GU0 E . 27.00 -17.31 3.23
C4 GU0 E . 28.93 -13.93 -0.13
O4 GU0 E . 30.23 -13.43 0.24
C1 GU6 E . 30.19 -12.10 0.81
C2 GU6 E . 31.65 -11.67 1.02
O2 GU6 E . 32.65 -12.27 0.32
S2 GU6 E . 33.55 -12.98 1.17
C3 GU6 E . 31.89 -10.75 2.04
O3 GU6 E . 32.67 -9.65 1.88
S3 GU6 E . 32.02 -8.51 1.28
C4 GU6 E . 31.17 -10.99 3.19
O4 GU6 E . 31.75 -11.12 4.41
C5 GU6 E . 29.82 -11.25 3.01
O5 GU6 E . 29.45 -12.13 2.04
C6 GU6 E . 28.71 -10.55 3.78
O6 GU6 E . 28.11 -11.43 4.73
S6 GU6 E . 26.96 -10.99 5.45
O13 GU6 E . 34.14 -14.14 0.42
O14 GU6 E . 32.84 -13.51 2.37
O15 GU6 E . 34.66 -12.07 1.60
O16 GU6 E . 32.59 -7.25 1.84
O17 GU6 E . 30.54 -8.53 1.54
O18 GU6 E . 32.26 -8.52 -0.21
O19 GU6 E . 27.27 -10.94 6.92
O20 GU6 E . 25.83 -11.94 5.20
O21 GU6 E . 26.57 -9.61 4.99
C1 GU4 E . 32.23 -9.92 5.01
O5 GU4 E . 31.20 -9.25 5.75
C5 GU4 E . 30.66 -10.01 6.84
C6 GU4 E . 29.66 -9.10 7.55
O6 GU4 E . 30.29 -7.88 7.97
S6 GU4 E . 29.55 -6.82 8.57
O22 GU4 E . 30.47 -6.03 9.45
O23 GU4 E . 28.43 -7.37 9.40
O21 GU4 E . 28.99 -5.93 7.50
C4 GU4 E . 31.74 -10.45 7.84
O4 GU4 E . 31.16 -11.41 8.74
S4 GU4 E . 31.19 -10.99 10.11
O25 GU4 E . 32.61 -10.84 10.57
O26 GU4 E . 30.51 -12.04 10.94
O24 GU4 E . 30.47 -9.68 10.29
C3 GU4 E . 32.90 -11.12 7.12
O3 GU4 E . 33.98 -11.35 8.03
S3 GU4 E . 34.31 -12.73 8.21
O28 GU4 E . 35.39 -12.86 9.23
O29 GU4 E . 34.80 -13.31 6.91
O27 GU4 E . 33.11 -13.52 8.66
C2 GU4 E . 33.39 -10.24 5.96
O2 GU4 E . 34.45 -10.90 5.27
S2 GU4 E . 35.46 -10.00 4.82
O11 GU4 E . 35.91 -9.12 5.95
O12 GU4 E . 34.92 -9.15 3.71
O10 GU4 E . 36.63 -10.78 4.30
C1 NAG F . -33.64 -33.80 5.54
C2 NAG F . -34.82 -33.85 4.58
C3 NAG F . -34.38 -34.55 3.29
C4 NAG F . -33.13 -33.88 2.69
C5 NAG F . -32.03 -33.64 3.77
C6 NAG F . -30.91 -32.73 3.28
C7 NAG F . -36.70 -33.98 6.08
C8 NAG F . -37.41 -34.89 7.07
N2 NAG F . -35.93 -34.57 5.18
O3 NAG F . -35.45 -34.50 2.37
O4 NAG F . -32.58 -34.76 1.68
O5 NAG F . -32.59 -33.03 4.96
O6 NAG F . -31.36 -31.83 2.28
O7 NAG F . -36.85 -32.76 6.14
C1 NAG F . -32.84 -34.48 0.35
C2 NAG F . -31.92 -35.31 -0.56
C3 NAG F . -32.27 -35.02 -2.01
C4 NAG F . -33.74 -35.32 -2.23
C5 NAG F . -34.60 -34.52 -1.26
C6 NAG F . -36.07 -34.90 -1.42
C7 NAG F . -29.86 -35.69 0.64
C8 NAG F . -28.60 -35.04 1.21
N2 NAG F . -30.52 -35.03 -0.30
O3 NAG F . -31.47 -35.81 -2.87
O4 NAG F . -34.13 -35.00 -3.57
O5 NAG F . -34.22 -34.81 0.10
O6 NAG F . -36.85 -34.47 -0.32
O7 NAG F . -30.24 -36.77 1.08
C1 BMA F . -34.68 -36.06 -4.26
C2 BMA F . -35.45 -35.52 -5.44
C3 BMA F . -36.03 -36.70 -6.19
C4 BMA F . -34.85 -37.52 -6.73
C5 BMA F . -33.92 -37.96 -5.57
C6 BMA F . -32.58 -38.44 -6.06
O2 BMA F . -34.57 -34.80 -6.29
O3 BMA F . -36.91 -36.24 -7.25
O4 BMA F . -35.35 -38.65 -7.42
O5 BMA F . -33.58 -36.86 -4.70
O6 BMA F . -32.62 -39.85 -6.37
C1 MAN F . -37.86 -35.28 -6.84
C2 MAN F . -38.87 -35.87 -5.83
C3 MAN F . -40.12 -35.01 -5.75
C4 MAN F . -39.76 -33.56 -6.10
C5 MAN F . -39.31 -33.49 -7.57
C6 MAN F . -38.41 -32.28 -7.84
O2 MAN F . -38.26 -35.93 -4.54
O3 MAN F . -40.67 -35.07 -4.44
O4 MAN F . -40.87 -32.70 -5.88
O5 MAN F . -38.56 -34.68 -7.93
O6 MAN F . -38.52 -31.87 -9.20
C1 MAN F . -31.90 -40.14 -7.54
C2 MAN F . -30.42 -40.43 -7.22
C3 MAN F . -29.49 -39.64 -8.15
C4 MAN F . -29.94 -39.81 -9.61
C5 MAN F . -31.41 -39.40 -9.80
C6 MAN F . -32.25 -40.47 -10.45
O2 MAN F . -30.18 -41.82 -7.39
O3 MAN F . -28.14 -40.06 -8.00
O4 MAN F . -29.12 -39.02 -10.46
O5 MAN F . -32.02 -39.10 -8.52
O6 MAN F . -32.58 -40.12 -11.78
C1 NAG G . -13.65 -18.60 23.91
C2 NAG G . -13.06 -17.61 24.92
C3 NAG G . -11.69 -18.10 25.38
C4 NAG G . -11.77 -19.54 25.89
C5 NAG G . -12.47 -20.45 24.86
C6 NAG G . -12.73 -21.85 25.39
C7 NAG G . -13.74 -15.31 24.72
C8 NAG G . -13.15 -14.28 25.68
N2 NAG G . -12.95 -16.29 24.32
O3 NAG G . -11.20 -17.25 26.41
O4 NAG G . -10.45 -20.05 26.18
O5 NAG G . -13.76 -19.90 24.50
O6 NAG G . -14.04 -22.30 25.04
O7 NAG G . -14.92 -15.20 24.36
C1 NAG G . -10.25 -20.51 27.47
C2 NAG G . -9.31 -21.71 27.44
C3 NAG G . -9.08 -22.21 28.88
C4 NAG G . -8.63 -21.05 29.81
C5 NAG G . -9.56 -19.82 29.63
C6 NAG G . -9.07 -18.58 30.36
C7 NAG G . -9.14 -23.42 25.75
C8 NAG G . -8.50 -24.72 26.18
N2 NAG G . -9.88 -22.77 26.64
O3 NAG G . -8.07 -23.21 28.85
O4 NAG G . -8.66 -21.48 31.19
O5 NAG G . -9.67 -19.46 28.24
O6 NAG G . -9.73 -17.41 29.90
O7 NAG G . -8.96 -22.99 24.60
C1 BMA G . -7.76 -22.46 31.63
C2 BMA G . -7.55 -22.33 33.14
C3 BMA G . -6.71 -23.51 33.69
C4 BMA G . -7.27 -24.85 33.21
C5 BMA G . -7.45 -24.84 31.69
C6 BMA G . -8.09 -26.11 31.18
O2 BMA G . -8.81 -22.28 33.81
O3 BMA G . -6.73 -23.48 35.12
O4 BMA G . -6.37 -25.90 33.57
O5 BMA G . -8.32 -23.74 31.31
O6 BMA G . -7.58 -26.45 29.89
C1 MPD H . 0.62 15.24 6.73
C2 MPD H . 1.61 16.15 6.05
O2 MPD H . 1.69 15.68 4.70
CM MPD H . 1.13 17.55 6.08
C3 MPD H . 3.03 16.04 6.64
C4 MPD H . 3.30 16.70 8.01
O4 MPD H . 2.47 16.17 9.01
C5 MPD H . 4.73 16.50 8.44
C1 MPD I . 29.34 21.93 -15.25
C2 MPD I . 30.65 22.12 -14.53
O2 MPD I . 31.49 21.01 -14.89
CM MPD I . 31.24 23.41 -14.94
C3 MPD I . 30.56 22.14 -13.00
C4 MPD I . 29.53 21.26 -12.29
O4 MPD I . 29.72 19.89 -12.58
C5 MPD I . 29.66 21.46 -10.79
C1 MPD J . 16.80 18.08 -20.07
C2 MPD J . 17.78 18.06 -21.21
O2 MPD J . 17.77 16.71 -21.73
CM MPD J . 17.41 19.04 -22.27
C3 MPD J . 19.21 18.35 -20.72
C4 MPD J . 20.36 17.94 -21.63
O4 MPD J . 20.31 18.58 -22.88
C5 MPD J . 21.68 18.29 -21.00
C1 MPD K . 29.97 7.86 15.12
C2 MPD K . 29.84 8.98 14.09
O2 MPD K . 28.45 9.04 13.71
CM MPD K . 30.27 10.27 14.68
C3 MPD K . 30.65 8.73 12.82
C4 MPD K . 30.36 7.41 12.09
O4 MPD K . 29.03 7.34 11.69
C5 MPD K . 31.22 7.26 10.85
C1 NAG L . -45.34 -26.58 -1.10
C2 NAG L . -45.30 -28.08 -1.45
C3 NAG L . -45.95 -28.33 -2.82
C4 NAG L . -47.35 -27.74 -2.84
C5 NAG L . -47.26 -26.24 -2.53
C6 NAG L . -48.61 -25.54 -2.52
C7 NAG L . -43.55 -29.50 -0.59
C8 NAG L . -43.48 -30.93 -1.10
N2 NAG L . -43.94 -28.57 -1.45
O3 NAG L . -46.01 -29.73 -3.08
O4 NAG L . -47.93 -27.94 -4.12
O5 NAG L . -46.66 -26.03 -1.22
O6 NAG L . -49.68 -26.45 -2.75
O7 NAG L . -43.24 -29.24 0.58
C1 MPD M . -14.79 -17.46 4.30
C2 MPD M . -14.82 -15.97 4.54
O2 MPD M . -14.41 -15.79 5.91
CM MPD M . -13.90 -15.25 3.62
C3 MPD M . -16.23 -15.36 4.40
C4 MPD M . -17.23 -15.72 5.48
O4 MPD M . -16.77 -15.30 6.75
C5 MPD M . -18.57 -15.05 5.22
C1 MPD N . -22.07 -1.86 -8.02
C2 MPD N . -22.41 -1.70 -6.56
O2 MPD N . -22.86 -2.99 -6.11
CM MPD N . -21.22 -1.28 -5.79
C3 MPD N . -23.62 -0.73 -6.33
C4 MPD N . -23.43 0.54 -5.50
O4 MPD N . -22.47 1.38 -6.09
C5 MPD N . -24.73 1.31 -5.41
C1 MPD O . -16.79 -24.33 4.80
C2 MPD O . -16.37 -22.92 5.14
O2 MPD O . -16.70 -22.11 3.99
CM MPD O . -17.11 -22.42 6.34
C3 MPD O . -14.86 -22.78 5.41
C4 MPD O . -14.17 -21.55 4.84
O4 MPD O . -14.73 -20.38 5.37
C5 MPD O . -12.69 -21.55 5.17
C1 MPD P . -32.93 -3.91 15.00
C2 MPD P . -33.47 -4.59 16.25
O2 MPD P . -32.65 -5.75 16.46
CM MPD P . -33.40 -3.68 17.43
C3 MPD P . -34.93 -5.09 16.13
C4 MPD P . -35.28 -5.85 14.85
O4 MPD P . -34.49 -7.01 14.73
C5 MPD P . -36.73 -6.30 14.86
#